data_3TLJ
#
_entry.id   3TLJ
#
_cell.length_a   82.520
_cell.length_b   45.330
_cell.length_c   122.230
_cell.angle_alpha   90.00
_cell.angle_beta   91.23
_cell.angle_gamma   90.00
#
_symmetry.space_group_name_H-M   'P 1 21 1'
#
loop_
_entity.id
_entity.type
_entity.pdbx_description
1 polymer 'tRNA (guanine N2-)-methyltransferase Trm14'
2 non-polymer S-ADENOSYL-L-HOMOCYSTEINE
3 non-polymer 'ACETATE ION'
4 water water
#
_entity_poly.entity_id   1
_entity_poly.type   'polypeptide(L)'
_entity_poly.pdbx_seq_one_letter_code
;MKFLLTTAQGIEDIAKREVSLLLKKLGISFQIEEKPLGIEGRLLLEAEKAYYVDEKGRKRELSISTYLNENSRLLHRVII
EIASEKFNGIEKDESEEALKRIKDFVSSLPVEQFVKVSETFAVRSFRKGDHNITSIDIARTVGEAIFERLSRFGTPLVNL
DHPAVIFRAELIKDVFFLGIDTTGDSSLHKRPWRVYDHPAHLKASIANAMIELAELDGGSVLDPMCGSGTILIELALRRY
SGEIIGIEKYRKHLIGAEMNALAAGVLDKIKFIQGDATQLSQYVDSVDFAISNLPYGLKIGKKSMIPDLYMKFFNELAKV
LEKRGVFITTEKKAIEEAIAENGFEIIHHRVIGHGGLMVHLYVVKLEHHHHHH
;
_entity_poly.pdbx_strand_id   A,B
#
loop_
_chem_comp.id
_chem_comp.type
_chem_comp.name
_chem_comp.formula
ACT non-polymer 'ACETATE ION' 'C2 H3 O2 -1'
#
# COMPACT_ATOMS: atom_id res chain seq x y z
N MET A 1 26.47 -17.02 -22.06
CA MET A 1 25.31 -16.63 -21.19
C MET A 1 24.91 -15.19 -21.39
N LYS A 2 23.61 -14.99 -21.25
CA LYS A 2 23.05 -13.70 -21.34
C LYS A 2 22.22 -13.51 -20.07
N PHE A 3 22.21 -12.29 -19.57
CA PHE A 3 21.52 -12.02 -18.34
C PHE A 3 20.80 -10.72 -18.57
N LEU A 4 19.66 -10.64 -17.92
CA LEU A 4 18.92 -9.41 -17.79
C LEU A 4 19.20 -8.83 -16.42
N LEU A 5 19.73 -7.59 -16.42
CA LEU A 5 20.06 -6.86 -15.19
C LEU A 5 19.04 -5.72 -15.02
N THR A 6 18.32 -5.67 -13.92
CA THR A 6 17.42 -4.51 -13.76
C THR A 6 18.00 -3.47 -12.77
N THR A 7 17.74 -2.20 -13.03
CA THR A 7 18.03 -1.15 -12.06
C THR A 7 16.92 -0.09 -12.16
N ALA A 8 17.12 1.09 -11.57
CA ALA A 8 16.13 2.15 -11.66
C ALA A 8 16.12 2.80 -13.05
N GLN A 9 14.94 3.20 -13.55
CA GLN A 9 14.81 3.98 -14.78
C GLN A 9 15.75 5.16 -14.77
N GLY A 10 16.53 5.33 -15.83
CA GLY A 10 17.34 6.53 -15.98
C GLY A 10 18.73 6.44 -15.33
N ILE A 11 19.09 5.29 -14.77
CA ILE A 11 20.48 5.06 -14.32
C ILE A 11 21.17 3.88 -14.96
N GLU A 12 20.74 3.52 -16.15
CA GLU A 12 21.22 2.29 -16.78
C GLU A 12 22.73 2.43 -17.17
N ASP A 13 23.16 3.65 -17.54
CA ASP A 13 24.57 3.86 -17.88
C ASP A 13 25.51 3.75 -16.67
N ILE A 14 25.00 4.10 -15.49
CA ILE A 14 25.80 4.09 -14.25
C ILE A 14 25.91 2.66 -13.79
N ALA A 15 24.81 1.93 -13.82
CA ALA A 15 24.83 0.48 -13.65
C ALA A 15 25.79 -0.24 -14.58
N LYS A 16 25.75 0.10 -15.87
CA LYS A 16 26.58 -0.59 -16.85
C LYS A 16 28.07 -0.41 -16.52
N ARG A 17 28.46 0.81 -16.19
CA ARG A 17 29.82 1.07 -15.71
C ARG A 17 30.16 0.26 -14.47
N GLU A 18 29.22 0.13 -13.53
CA GLU A 18 29.56 -0.57 -12.34
C GLU A 18 29.80 -2.05 -12.68
N VAL A 19 28.92 -2.62 -13.50
CA VAL A 19 28.95 -4.05 -13.78
C VAL A 19 30.16 -4.34 -14.66
N SER A 20 30.53 -3.37 -15.49
CA SER A 20 31.73 -3.54 -16.32
C SER A 20 33.00 -3.72 -15.48
N LEU A 21 33.26 -2.80 -14.56
CA LEU A 21 34.44 -2.89 -13.70
C LEU A 21 34.46 -4.19 -12.87
N LEU A 22 33.30 -4.60 -12.34
CA LEU A 22 33.22 -5.83 -11.58
C LEU A 22 33.63 -7.00 -12.47
N LEU A 23 33.09 -7.03 -13.68
CA LEU A 23 33.41 -8.11 -14.60
C LEU A 23 34.85 -8.06 -15.12
N LYS A 24 35.40 -6.87 -15.34
CA LYS A 24 36.80 -6.85 -15.71
C LYS A 24 37.69 -7.49 -14.65
N LYS A 25 37.18 -7.56 -13.43
CA LYS A 25 37.91 -8.12 -12.32
C LYS A 25 37.91 -9.64 -12.26
N LEU A 26 36.96 -10.27 -12.94
CA LEU A 26 37.01 -11.72 -13.22
C LEU A 26 37.95 -12.07 -14.37
N GLY A 27 38.14 -11.16 -15.31
CA GLY A 27 38.97 -11.49 -16.46
C GLY A 27 38.17 -12.07 -17.62
N ILE A 28 36.85 -12.00 -17.51
CA ILE A 28 36.01 -12.46 -18.61
C ILE A 28 35.73 -11.45 -19.70
N SER A 29 35.41 -11.97 -20.88
CA SER A 29 34.95 -11.17 -22.00
C SER A 29 33.38 -11.03 -22.01
N PHE A 30 32.89 -9.83 -22.35
CA PHE A 30 31.44 -9.53 -22.18
C PHE A 30 31.10 -8.25 -22.94
N GLN A 31 29.80 -8.03 -23.13
CA GLN A 31 29.23 -6.82 -23.73
C GLN A 31 27.94 -6.50 -22.95
N ILE A 32 27.64 -5.22 -22.79
CA ILE A 32 26.44 -4.76 -22.09
C ILE A 32 25.76 -3.77 -22.98
N GLU A 33 24.52 -4.09 -23.33
CA GLU A 33 23.62 -3.17 -24.01
C GLU A 33 22.64 -2.53 -23.01
N GLU A 34 22.54 -1.20 -23.01
CA GLU A 34 21.59 -0.45 -22.19
C GLU A 34 20.23 -0.51 -22.82
N LYS A 35 19.19 -0.72 -22.01
CA LYS A 35 17.83 -0.56 -22.49
C LYS A 35 17.53 -1.48 -23.68
N PRO A 36 17.65 -2.80 -23.48
CA PRO A 36 17.32 -3.67 -24.60
C PRO A 36 15.86 -3.58 -25.06
N LEU A 37 15.71 -3.52 -26.38
CA LEU A 37 14.43 -3.34 -27.05
C LEU A 37 13.74 -2.04 -26.64
N GLY A 38 14.57 -1.06 -26.26
CA GLY A 38 14.08 0.22 -25.77
C GLY A 38 13.58 0.31 -24.33
N ILE A 39 13.65 -0.78 -23.57
CA ILE A 39 13.05 -0.82 -22.22
C ILE A 39 13.97 -0.21 -21.14
N GLU A 40 13.47 0.85 -20.50
CA GLU A 40 14.13 1.50 -19.35
C GLU A 40 14.32 0.58 -18.12
N GLY A 41 15.39 0.85 -17.38
CA GLY A 41 15.69 0.14 -16.15
C GLY A 41 16.21 -1.27 -16.39
N ARG A 42 16.71 -1.53 -17.61
CA ARG A 42 17.31 -2.81 -18.00
C ARG A 42 18.62 -2.64 -18.77
N LEU A 43 19.53 -3.60 -18.56
CA LEU A 43 20.77 -3.84 -19.31
C LEU A 43 20.64 -5.30 -19.80
N LEU A 44 21.18 -5.62 -20.97
CA LEU A 44 21.37 -7.02 -21.40
C LEU A 44 22.87 -7.39 -21.37
N LEU A 45 23.25 -8.29 -20.45
CA LEU A 45 24.62 -8.80 -20.31
C LEU A 45 24.83 -10.07 -21.16
N GLU A 46 25.68 -9.98 -22.18
CA GLU A 46 26.25 -11.14 -22.84
C GLU A 46 27.68 -11.39 -22.34
N ALA A 47 27.90 -12.53 -21.69
CA ALA A 47 29.24 -12.85 -21.11
C ALA A 47 29.76 -14.24 -21.54
N GLU A 48 31.07 -14.46 -21.52
CA GLU A 48 31.59 -15.84 -21.46
C GLU A 48 31.29 -16.40 -20.08
N LYS A 49 31.12 -17.72 -20.03
CA LYS A 49 31.15 -18.47 -18.77
C LYS A 49 32.49 -18.23 -18.11
N ALA A 50 32.52 -18.21 -16.78
CA ALA A 50 33.76 -18.00 -16.05
C ALA A 50 34.28 -19.32 -15.46
N TYR A 51 35.35 -19.83 -16.06
CA TYR A 51 35.87 -21.20 -15.81
C TYR A 51 37.20 -21.09 -15.05
N TYR A 52 37.40 -21.88 -14.00
CA TYR A 52 38.77 -22.03 -13.52
C TYR A 52 39.08 -23.51 -13.37
N VAL A 53 40.30 -23.80 -12.90
CA VAL A 53 40.68 -25.18 -12.61
C VAL A 53 40.62 -25.38 -11.11
N ASP A 54 39.87 -26.38 -10.67
CA ASP A 54 39.61 -26.60 -9.27
C ASP A 54 40.66 -27.49 -8.56
N GLU A 55 40.41 -27.82 -7.30
CA GLU A 55 41.34 -28.60 -6.48
C GLU A 55 41.54 -30.07 -6.96
N LYS A 56 40.65 -30.56 -7.83
CA LYS A 56 40.83 -31.89 -8.42
C LYS A 56 41.57 -31.81 -9.77
N GLY A 57 41.92 -30.60 -10.22
CA GLY A 57 42.59 -30.45 -11.53
C GLY A 57 41.60 -30.38 -12.70
N ARG A 58 40.35 -30.12 -12.37
CA ARG A 58 39.26 -30.10 -13.37
C ARG A 58 38.72 -28.70 -13.64
N LYS A 59 38.24 -28.48 -14.85
CA LYS A 59 37.44 -27.30 -15.15
C LYS A 59 36.20 -27.17 -14.26
N ARG A 60 36.04 -26.02 -13.66
CA ARG A 60 34.84 -25.80 -12.88
C ARG A 60 34.35 -24.40 -13.19
N GLU A 61 33.08 -24.14 -12.95
CA GLU A 61 32.45 -22.92 -13.36
C GLU A 61 32.12 -22.02 -12.15
N LEU A 62 32.44 -20.74 -12.26
CA LEU A 62 32.05 -19.78 -11.23
C LEU A 62 30.76 -19.09 -11.65
N SER A 63 29.89 -18.82 -10.68
CA SER A 63 28.59 -18.20 -10.95
C SER A 63 28.75 -16.69 -11.16
N ILE A 64 28.49 -16.22 -12.38
CA ILE A 64 28.40 -14.79 -12.63
C ILE A 64 27.18 -14.18 -11.88
N SER A 65 26.07 -14.89 -11.83
CA SER A 65 24.88 -14.32 -11.17
C SER A 65 25.12 -14.07 -9.67
N THR A 66 25.77 -15.00 -8.99
CA THR A 66 26.05 -14.85 -7.56
C THR A 66 27.10 -13.79 -7.32
N TYR A 67 28.09 -13.70 -8.18
CA TYR A 67 29.06 -12.64 -8.06
C TYR A 67 28.41 -11.23 -8.16
N LEU A 68 27.56 -11.06 -9.17
CA LEU A 68 26.83 -9.79 -9.30
C LEU A 68 25.88 -9.53 -8.16
N ASN A 69 25.15 -10.55 -7.70
CA ASN A 69 24.19 -10.34 -6.63
C ASN A 69 24.85 -9.85 -5.34
N GLU A 70 26.06 -10.35 -5.09
CA GLU A 70 26.70 -10.03 -3.83
C GLU A 70 27.50 -8.72 -3.89
N ASN A 71 27.80 -8.21 -5.08
CA ASN A 71 28.81 -7.14 -5.20
C ASN A 71 28.29 -5.81 -5.79
N SER A 72 27.08 -5.83 -6.34
CA SER A 72 26.47 -4.64 -6.98
C SER A 72 25.68 -3.80 -5.96
N ARG A 73 25.87 -2.49 -6.02
CA ARG A 73 25.06 -1.57 -5.24
C ARG A 73 23.90 -0.92 -6.04
N LEU A 74 24.00 -1.02 -7.38
CA LEU A 74 23.12 -0.30 -8.30
C LEU A 74 22.01 -1.21 -8.91
N LEU A 75 22.22 -2.53 -8.96
CA LEU A 75 21.20 -3.42 -9.56
C LEU A 75 20.00 -3.72 -8.64
N HIS A 76 18.87 -4.12 -9.22
CA HIS A 76 17.75 -4.57 -8.42
C HIS A 76 17.63 -6.12 -8.51
N ARG A 77 17.77 -6.67 -9.72
CA ARG A 77 17.72 -8.11 -9.91
CA ARG A 77 17.65 -8.11 -9.97
C ARG A 77 18.69 -8.63 -10.97
N VAL A 78 19.16 -9.86 -10.81
CA VAL A 78 20.01 -10.44 -11.82
C VAL A 78 19.19 -11.62 -12.33
N ILE A 79 18.85 -11.59 -13.60
CA ILE A 79 17.98 -12.64 -14.14
C ILE A 79 18.71 -13.38 -15.27
N ILE A 80 18.69 -14.71 -15.26
CA ILE A 80 19.28 -15.44 -16.39
C ILE A 80 18.26 -15.44 -17.51
N GLU A 81 18.66 -15.02 -18.70
CA GLU A 81 17.66 -14.78 -19.71
C GLU A 81 17.39 -16.08 -20.50
N ILE A 82 16.13 -16.41 -20.72
CA ILE A 82 15.77 -17.56 -21.55
C ILE A 82 15.34 -17.05 -22.92
N ALA A 83 14.45 -16.06 -22.96
CA ALA A 83 14.17 -15.34 -24.18
C ALA A 83 13.59 -13.97 -23.90
N SER A 84 13.63 -13.13 -24.92
CA SER A 84 13.03 -11.83 -24.88
CA SER A 84 13.09 -11.79 -24.88
C SER A 84 12.75 -11.39 -26.31
N GLU A 85 11.56 -10.85 -26.51
CA GLU A 85 11.06 -10.68 -27.84
C GLU A 85 9.93 -9.65 -27.88
N LYS A 86 9.88 -8.93 -28.99
CA LYS A 86 8.86 -7.93 -29.24
C LYS A 86 7.58 -8.61 -29.74
N PHE A 87 6.52 -8.58 -28.93
CA PHE A 87 5.18 -9.04 -29.40
C PHE A 87 4.40 -7.86 -29.94
N ASN A 88 4.69 -7.49 -31.18
CA ASN A 88 4.09 -6.33 -31.83
C ASN A 88 2.57 -6.39 -31.76
N GLY A 89 1.96 -5.30 -31.34
CA GLY A 89 0.51 -5.19 -31.29
C GLY A 89 -0.12 -5.71 -30.01
N ILE A 90 0.67 -6.35 -29.12
CA ILE A 90 0.06 -7.11 -28.04
C ILE A 90 -0.79 -6.26 -27.08
N GLU A 91 -0.46 -4.99 -26.95
CA GLU A 91 -1.23 -4.08 -26.11
C GLU A 91 -2.69 -3.98 -26.60
N LYS A 92 -2.86 -3.95 -27.93
CA LYS A 92 -4.19 -3.79 -28.49
C LYS A 92 -4.98 -5.10 -28.59
N ASP A 93 -4.30 -6.25 -28.46
CA ASP A 93 -4.97 -7.54 -28.65
C ASP A 93 -5.98 -7.82 -27.56
N GLU A 94 -7.05 -8.52 -27.95
CA GLU A 94 -8.03 -9.02 -27.01
C GLU A 94 -7.35 -10.05 -26.13
N SER A 95 -7.93 -10.30 -24.96
CA SER A 95 -7.22 -11.02 -23.89
C SER A 95 -6.94 -12.47 -24.26
N GLU A 96 -7.95 -13.17 -24.79
CA GLU A 96 -7.77 -14.53 -25.29
C GLU A 96 -6.58 -14.58 -26.26
N GLU A 97 -6.55 -13.65 -27.21
CA GLU A 97 -5.49 -13.59 -28.21
C GLU A 97 -4.10 -13.32 -27.59
N ALA A 98 -4.03 -12.37 -26.66
CA ALA A 98 -2.71 -11.99 -26.07
C ALA A 98 -2.08 -13.17 -25.35
N LEU A 99 -2.90 -13.88 -24.57
CA LEU A 99 -2.45 -15.04 -23.80
C LEU A 99 -2.12 -16.25 -24.70
N LYS A 100 -2.81 -16.36 -25.84
CA LYS A 100 -2.45 -17.35 -26.85
C LYS A 100 -1.02 -17.11 -27.36
N ARG A 101 -0.71 -15.86 -27.65
CA ARG A 101 0.60 -15.55 -28.16
C ARG A 101 1.69 -15.91 -27.14
N ILE A 102 1.38 -15.66 -25.86
CA ILE A 102 2.37 -15.85 -24.81
C ILE A 102 2.60 -17.34 -24.55
N LYS A 103 1.51 -18.09 -24.52
CA LYS A 103 1.56 -19.55 -24.32
C LYS A 103 2.34 -20.22 -25.44
N ASP A 104 1.98 -19.93 -26.68
CA ASP A 104 2.68 -20.52 -27.81
C ASP A 104 4.17 -20.24 -27.79
N PHE A 105 4.55 -18.99 -27.54
CA PHE A 105 5.94 -18.65 -27.46
C PHE A 105 6.63 -19.42 -26.32
N VAL A 106 6.04 -19.40 -25.13
CA VAL A 106 6.60 -20.16 -24.00
C VAL A 106 6.71 -21.70 -24.23
N SER A 107 5.71 -22.30 -24.88
N SER A 107 5.72 -22.29 -24.92
CA SER A 107 5.78 -23.75 -25.10
CA SER A 107 5.72 -23.75 -25.18
C SER A 107 7.03 -24.14 -25.88
C SER A 107 6.83 -24.19 -26.12
N SER A 108 7.49 -23.25 -26.77
CA SER A 108 8.59 -23.58 -27.66
C SER A 108 9.98 -23.32 -27.08
N LEU A 109 10.06 -22.88 -25.82
CA LEU A 109 11.37 -22.54 -25.23
C LEU A 109 11.89 -23.73 -24.42
N PRO A 110 13.20 -23.98 -24.52
CA PRO A 110 13.83 -25.15 -23.92
C PRO A 110 14.01 -25.01 -22.40
N VAL A 111 12.91 -24.94 -21.65
CA VAL A 111 12.97 -24.59 -20.24
C VAL A 111 13.53 -25.75 -19.38
N GLU A 112 13.32 -26.98 -19.84
CA GLU A 112 13.92 -28.15 -19.20
C GLU A 112 15.45 -28.08 -19.09
N GLN A 113 16.08 -27.37 -20.03
CA GLN A 113 17.50 -27.02 -19.91
C GLN A 113 17.90 -26.06 -18.77
N PHE A 114 16.93 -25.58 -17.99
CA PHE A 114 17.13 -24.49 -17.01
C PHE A 114 16.57 -24.87 -15.65
N VAL A 115 16.11 -26.09 -15.53
CA VAL A 115 15.67 -26.59 -14.25
C VAL A 115 15.94 -28.08 -14.28
N LYS A 116 16.11 -28.66 -13.12
CA LYS A 116 16.25 -30.11 -13.02
C LYS A 116 14.86 -30.76 -12.94
N VAL A 117 14.83 -32.05 -12.61
CA VAL A 117 13.56 -32.77 -12.51
C VAL A 117 13.08 -32.73 -11.07
N SER A 118 14.04 -32.70 -10.14
CA SER A 118 13.72 -32.65 -8.70
C SER A 118 13.41 -31.24 -8.16
N GLU A 119 13.91 -30.20 -8.82
CA GLU A 119 13.70 -28.82 -8.35
C GLU A 119 12.25 -28.35 -8.47
N THR A 120 11.71 -27.81 -7.39
CA THR A 120 10.43 -27.11 -7.48
C THR A 120 10.60 -25.75 -8.18
N PHE A 121 9.54 -25.27 -8.83
CA PHE A 121 9.55 -23.95 -9.47
C PHE A 121 8.27 -23.16 -9.16
N ALA A 122 8.32 -21.84 -9.26
CA ALA A 122 7.12 -21.05 -9.50
C ALA A 122 7.37 -19.93 -10.50
N VAL A 123 6.31 -19.21 -10.83
CA VAL A 123 6.39 -18.16 -11.83
C VAL A 123 6.01 -16.88 -11.14
N ARG A 124 6.87 -15.87 -11.19
CA ARG A 124 6.52 -14.51 -10.81
C ARG A 124 6.39 -13.64 -12.04
N SER A 125 5.38 -12.78 -12.07
CA SER A 125 5.17 -11.90 -13.21
C SER A 125 5.31 -10.42 -12.83
N PHE A 126 5.55 -9.59 -13.85
CA PHE A 126 5.47 -8.15 -13.72
C PHE A 126 4.95 -7.61 -15.05
N ARG A 127 4.03 -6.64 -14.98
CA ARG A 127 3.42 -6.07 -16.15
C ARG A 127 3.35 -4.54 -16.07
N LYS A 128 3.76 -3.87 -17.15
CA LYS A 128 3.69 -2.43 -17.20
C LYS A 128 3.18 -2.02 -18.57
N GLY A 129 2.19 -1.12 -18.58
CA GLY A 129 1.56 -0.64 -19.84
C GLY A 129 0.05 -0.80 -19.91
N ASP A 130 -0.50 -0.72 -21.11
CA ASP A 130 -1.94 -0.81 -21.33
C ASP A 130 -2.32 -2.09 -22.09
N HIS A 131 -2.71 -3.13 -21.36
CA HIS A 131 -3.07 -4.40 -21.98
C HIS A 131 -4.49 -4.73 -21.60
N ASN A 132 -5.08 -5.67 -22.31
CA ASN A 132 -6.32 -6.27 -21.88
C ASN A 132 -6.09 -7.51 -21.01
N ILE A 133 -4.96 -7.55 -20.33
CA ILE A 133 -4.65 -8.68 -19.44
C ILE A 133 -3.87 -8.22 -18.23
N THR A 134 -3.89 -9.01 -17.16
CA THR A 134 -3.25 -8.62 -15.91
C THR A 134 -1.98 -9.44 -15.67
N SER A 135 -1.22 -9.06 -14.65
CA SER A 135 -0.02 -9.77 -14.25
C SER A 135 -0.39 -11.18 -13.80
N ILE A 136 -1.46 -11.30 -13.02
CA ILE A 136 -2.02 -12.59 -12.65
C ILE A 136 -2.32 -13.52 -13.85
N ASP A 137 -3.04 -13.03 -14.87
CA ASP A 137 -3.24 -13.78 -16.13
C ASP A 137 -1.92 -14.30 -16.70
N ILE A 138 -0.95 -13.40 -16.82
CA ILE A 138 0.38 -13.72 -17.36
C ILE A 138 1.07 -14.83 -16.56
N ALA A 139 1.03 -14.71 -15.23
CA ALA A 139 1.65 -15.73 -14.39
C ALA A 139 1.00 -17.10 -14.57
N ARG A 140 -0.31 -17.13 -14.64
CA ARG A 140 -1.06 -18.39 -14.89
C ARG A 140 -0.74 -19.00 -16.23
N THR A 141 -0.86 -18.21 -17.28
CA THR A 141 -0.64 -18.73 -18.62
C THR A 141 0.81 -19.22 -18.77
N VAL A 142 1.79 -18.48 -18.23
CA VAL A 142 3.19 -18.89 -18.38
C VAL A 142 3.41 -20.11 -17.51
N GLY A 143 2.80 -20.09 -16.33
CA GLY A 143 2.95 -21.24 -15.44
C GLY A 143 2.37 -22.51 -16.01
N GLU A 144 1.28 -22.37 -16.76
CA GLU A 144 0.65 -23.47 -17.50
C GLU A 144 1.57 -24.01 -18.58
N ALA A 145 2.09 -23.08 -19.39
CA ALA A 145 2.97 -23.43 -20.47
C ALA A 145 4.24 -24.14 -20.01
N ILE A 146 4.88 -23.64 -18.94
CA ILE A 146 6.09 -24.29 -18.41
C ILE A 146 5.81 -25.71 -17.92
N PHE A 147 4.78 -25.82 -17.06
CA PHE A 147 4.34 -27.12 -16.55
C PHE A 147 4.04 -28.18 -17.63
N GLU A 148 3.27 -27.82 -18.64
CA GLU A 148 2.96 -28.78 -19.70
C GLU A 148 4.25 -29.28 -20.34
N ARG A 149 5.23 -28.37 -20.46
CA ARG A 149 6.48 -28.66 -21.15
C ARG A 149 7.44 -29.55 -20.36
N LEU A 150 7.70 -29.19 -19.10
CA LEU A 150 8.47 -30.03 -18.18
C LEU A 150 7.88 -31.45 -18.03
N SER A 151 6.57 -31.57 -18.09
CA SER A 151 5.96 -32.89 -17.90
C SER A 151 6.07 -33.83 -19.11
N ARG A 152 6.66 -33.36 -20.21
CA ARG A 152 7.11 -34.27 -21.28
C ARG A 152 8.43 -34.91 -20.90
N PHE A 153 9.02 -34.44 -19.80
CA PHE A 153 10.36 -34.86 -19.42
C PHE A 153 10.46 -35.52 -18.03
N GLY A 154 9.34 -35.70 -17.33
CA GLY A 154 9.39 -35.99 -15.91
C GLY A 154 8.18 -35.45 -15.17
N THR A 155 8.28 -35.36 -13.85
CA THR A 155 7.17 -34.86 -13.04
C THR A 155 7.49 -33.51 -12.42
N PRO A 156 7.07 -32.42 -13.10
CA PRO A 156 7.39 -31.13 -12.53
C PRO A 156 6.79 -30.98 -11.14
N LEU A 157 7.47 -30.21 -10.31
CA LEU A 157 7.11 -29.98 -8.93
C LEU A 157 6.91 -28.49 -8.72
N VAL A 158 5.68 -28.10 -8.39
CA VAL A 158 5.37 -26.70 -8.14
C VAL A 158 5.45 -26.38 -6.65
N ASN A 159 6.03 -25.23 -6.32
CA ASN A 159 5.92 -24.64 -4.98
C ASN A 159 5.82 -23.12 -5.04
N LEU A 160 4.61 -22.60 -4.89
CA LEU A 160 4.34 -21.16 -4.98
C LEU A 160 5.01 -20.29 -3.91
N ASP A 161 5.25 -20.86 -2.72
CA ASP A 161 5.79 -20.09 -1.59
C ASP A 161 7.30 -20.08 -1.57
N HIS A 162 7.89 -21.26 -1.40
CA HIS A 162 9.33 -21.40 -1.37
C HIS A 162 9.72 -22.25 -2.54
N PRO A 163 9.68 -21.69 -3.76
CA PRO A 163 10.20 -22.50 -4.87
C PRO A 163 11.72 -22.52 -4.81
N ALA A 164 12.31 -23.44 -5.56
CA ALA A 164 13.74 -23.55 -5.65
C ALA A 164 14.25 -22.79 -6.87
N VAL A 165 13.42 -22.73 -7.90
CA VAL A 165 13.74 -21.91 -9.07
C VAL A 165 12.58 -20.95 -9.33
N ILE A 166 12.90 -19.69 -9.59
CA ILE A 166 11.87 -18.73 -9.93
C ILE A 166 12.04 -18.39 -11.41
N PHE A 167 11.04 -18.74 -12.26
CA PHE A 167 10.90 -18.13 -13.61
C PHE A 167 10.25 -16.79 -13.40
N ARG A 168 10.85 -15.75 -13.96
CA ARG A 168 10.22 -14.45 -13.89
C ARG A 168 9.74 -14.02 -15.28
N ALA A 169 8.46 -13.66 -15.41
CA ALA A 169 7.89 -13.27 -16.72
C ALA A 169 7.49 -11.81 -16.69
N GLU A 170 8.01 -11.00 -17.61
CA GLU A 170 7.69 -9.58 -17.59
C GLU A 170 7.17 -9.08 -18.91
N LEU A 171 6.13 -8.25 -18.85
CA LEU A 171 5.57 -7.70 -20.08
C LEU A 171 5.39 -6.20 -19.94
N ILE A 172 6.19 -5.45 -20.68
CA ILE A 172 6.27 -4.01 -20.55
C ILE A 172 6.06 -3.54 -21.96
N LYS A 173 4.95 -2.81 -22.12
CA LYS A 173 4.42 -2.45 -23.41
C LYS A 173 4.31 -3.67 -24.34
N ASP A 174 4.98 -3.68 -25.48
CA ASP A 174 4.93 -4.90 -26.26
C ASP A 174 6.16 -5.81 -26.18
N VAL A 175 6.97 -5.64 -25.13
CA VAL A 175 8.14 -6.48 -24.96
C VAL A 175 7.97 -7.56 -23.91
N PHE A 176 8.15 -8.80 -24.33
CA PHE A 176 7.99 -9.91 -23.42
C PHE A 176 9.33 -10.51 -23.10
N PHE A 177 9.51 -10.86 -21.82
CA PHE A 177 10.73 -11.43 -21.33
C PHE A 177 10.47 -12.65 -20.41
N LEU A 178 11.22 -13.73 -20.61
CA LEU A 178 11.23 -14.87 -19.67
C LEU A 178 12.66 -15.19 -19.22
N GLY A 179 12.85 -15.29 -17.92
CA GLY A 179 14.13 -15.81 -17.40
C GLY A 179 14.13 -16.42 -16.00
N ILE A 180 15.31 -16.74 -15.49
CA ILE A 180 15.46 -17.38 -14.17
C ILE A 180 15.91 -16.29 -13.21
N ASP A 181 15.07 -15.96 -12.24
CA ASP A 181 15.44 -14.91 -11.27
C ASP A 181 16.39 -15.43 -10.18
N THR A 182 17.67 -15.06 -10.23
CA THR A 182 18.65 -15.54 -9.24
C THR A 182 18.66 -14.80 -7.92
N THR A 183 18.11 -13.59 -7.92
CA THR A 183 18.15 -12.64 -6.81
C THR A 183 17.09 -13.02 -5.77
N GLY A 184 15.89 -13.37 -6.24
CA GLY A 184 14.90 -14.06 -5.40
C GLY A 184 13.68 -13.17 -5.25
N ASP A 185 12.95 -13.31 -4.15
CA ASP A 185 11.75 -12.49 -3.94
C ASP A 185 12.03 -11.09 -3.37
N SER A 186 13.14 -10.94 -2.67
CA SER A 186 13.58 -9.63 -2.17
C SER A 186 14.57 -8.96 -3.12
N SER A 187 14.16 -7.88 -3.75
CA SER A 187 15.08 -7.15 -4.63
C SER A 187 16.34 -6.67 -3.87
N LEU A 188 17.43 -6.44 -4.62
CA LEU A 188 18.75 -6.11 -4.07
C LEU A 188 18.89 -4.75 -3.42
N HIS A 189 17.96 -3.85 -3.67
CA HIS A 189 18.05 -2.54 -3.02
C HIS A 189 17.47 -2.58 -1.61
N LYS A 190 16.88 -3.70 -1.19
CA LYS A 190 16.36 -3.78 0.16
C LYS A 190 17.52 -4.03 1.09
N ARG A 191 17.68 -3.13 2.04
CA ARG A 191 18.86 -3.16 2.90
C ARG A 191 18.46 -3.76 4.23
N PRO A 192 19.24 -4.73 4.76
CA PRO A 192 18.86 -5.25 6.08
C PRO A 192 19.12 -4.24 7.20
N TRP A 193 19.94 -3.22 6.94
CA TRP A 193 20.22 -2.23 7.99
C TRP A 193 19.07 -1.23 8.18
N ARG A 194 18.08 -1.29 7.30
CA ARG A 194 17.06 -0.28 7.33
C ARG A 194 15.96 -0.59 8.39
N VAL A 195 16.28 -0.40 9.67
CA VAL A 195 15.35 -0.66 10.78
C VAL A 195 14.31 0.44 10.93
N TYR A 196 14.64 1.65 10.45
CA TYR A 196 13.74 2.79 10.56
C TYR A 196 13.32 3.17 9.17
N ASP A 197 12.01 3.27 8.93
CA ASP A 197 11.51 3.39 7.58
C ASP A 197 10.86 4.74 7.40
N HIS A 198 11.68 5.69 6.98
CA HIS A 198 11.26 7.05 6.73
C HIS A 198 10.30 7.02 5.52
N PRO A 199 9.22 7.82 5.58
CA PRO A 199 8.12 7.69 4.61
C PRO A 199 8.51 8.18 3.20
N ALA A 200 9.58 8.94 3.11
CA ALA A 200 10.11 9.39 1.82
C ALA A 200 11.57 8.97 1.67
N HIS A 201 11.90 7.76 2.13
CA HIS A 201 13.30 7.34 2.07
C HIS A 201 13.78 7.15 0.64
N LEU A 202 15.07 7.31 0.41
CA LEU A 202 15.61 7.08 -0.93
C LEU A 202 15.97 5.61 -1.13
N LYS A 203 15.61 5.06 -2.31
CA LYS A 203 16.03 3.72 -2.70
C LYS A 203 17.56 3.63 -2.77
N ALA A 204 18.15 2.54 -2.29
CA ALA A 204 19.61 2.49 -2.11
C ALA A 204 20.43 2.45 -3.41
N SER A 205 19.88 1.90 -4.49
CA SER A 205 20.54 1.97 -5.81
C SER A 205 20.62 3.45 -6.32
N ILE A 206 19.53 4.20 -6.18
CA ILE A 206 19.53 5.61 -6.58
C ILE A 206 20.49 6.46 -5.72
N ALA A 207 20.66 6.11 -4.45
CA ALA A 207 21.64 6.76 -3.59
C ALA A 207 23.10 6.52 -4.06
N ASN A 208 23.42 5.26 -4.38
CA ASN A 208 24.66 4.93 -5.04
C ASN A 208 24.88 5.61 -6.38
N ALA A 209 23.83 5.73 -7.20
CA ALA A 209 23.94 6.57 -8.41
C ALA A 209 24.31 8.05 -8.16
N MET A 210 23.74 8.66 -7.11
CA MET A 210 24.07 10.04 -6.75
C MET A 210 25.54 10.17 -6.36
N ILE A 211 26.01 9.21 -5.58
CA ILE A 211 27.41 9.12 -5.14
C ILE A 211 28.40 9.01 -6.33
N GLU A 212 28.04 8.15 -7.29
CA GLU A 212 28.83 8.02 -8.53
C GLU A 212 28.97 9.33 -9.28
N LEU A 213 27.86 10.05 -9.43
CA LEU A 213 27.78 11.25 -10.22
C LEU A 213 28.46 12.44 -9.54
N ALA A 214 28.74 12.35 -8.23
CA ALA A 214 29.50 13.38 -7.53
C ALA A 214 30.98 13.32 -7.88
N GLU A 215 31.43 12.12 -8.25
CA GLU A 215 32.83 11.82 -8.70
C GLU A 215 33.75 12.06 -7.55
N LEU A 216 33.43 11.42 -6.41
CA LEU A 216 34.10 11.69 -5.14
C LEU A 216 35.62 11.44 -5.14
N ASP A 217 36.34 12.16 -4.29
CA ASP A 217 37.79 12.13 -4.31
C ASP A 217 38.44 12.08 -2.94
N GLY A 218 37.64 11.81 -1.90
CA GLY A 218 38.18 11.82 -0.53
C GLY A 218 37.85 13.06 0.26
N GLY A 219 37.44 14.13 -0.43
CA GLY A 219 36.93 15.30 0.28
C GLY A 219 35.72 15.03 1.17
N SER A 220 35.45 15.96 2.10
CA SER A 220 34.28 15.86 3.03
C SER A 220 32.93 15.91 2.29
N VAL A 221 31.97 15.12 2.77
CA VAL A 221 30.67 14.98 2.15
C VAL A 221 29.59 15.31 3.19
N LEU A 222 28.64 16.13 2.80
CA LEU A 222 27.60 16.51 3.72
C LEU A 222 26.25 16.23 3.08
N ASP A 223 25.35 15.57 3.81
CA ASP A 223 23.93 15.57 3.44
C ASP A 223 23.13 16.47 4.38
N PRO A 224 22.73 17.66 3.90
CA PRO A 224 22.26 18.65 4.88
C PRO A 224 20.76 18.55 5.18
N MET A 225 20.07 17.62 4.53
CA MET A 225 18.70 17.21 4.90
C MET A 225 18.57 15.68 4.85
N CYS A 226 19.30 15.03 5.75
CA CYS A 226 19.67 13.63 5.55
C CYS A 226 18.58 12.60 5.85
N GLY A 227 17.47 13.04 6.44
CA GLY A 227 16.36 12.12 6.72
C GLY A 227 16.82 10.91 7.50
N SER A 228 16.36 9.70 7.12
CA SER A 228 16.90 8.44 7.75
C SER A 228 18.30 7.97 7.29
N GLY A 229 19.01 8.75 6.48
CA GLY A 229 20.48 8.60 6.49
C GLY A 229 21.03 7.69 5.40
N THR A 230 20.15 7.31 4.47
CA THR A 230 20.49 6.36 3.41
C THR A 230 21.79 6.72 2.63
N ILE A 231 21.90 7.97 2.20
CA ILE A 231 23.01 8.35 1.32
C ILE A 231 24.36 8.28 2.07
N LEU A 232 24.36 8.69 3.31
CA LEU A 232 25.57 8.64 4.11
C LEU A 232 25.93 7.23 4.56
N ILE A 233 24.93 6.43 4.86
CA ILE A 233 25.18 5.04 5.23
C ILE A 233 25.73 4.21 4.05
N GLU A 234 25.11 4.31 2.88
CA GLU A 234 25.65 3.67 1.67
C GLU A 234 27.11 4.13 1.36
N LEU A 235 27.41 5.41 1.54
CA LEU A 235 28.80 5.91 1.44
C LEU A 235 29.74 5.30 2.46
N ALA A 236 29.32 5.25 3.73
CA ALA A 236 30.19 4.70 4.74
C ALA A 236 30.42 3.23 4.43
N LEU A 237 29.39 2.58 3.90
CA LEU A 237 29.51 1.18 3.56
C LEU A 237 30.41 0.89 2.34
N ARG A 238 30.70 1.91 1.52
CA ARG A 238 31.64 1.74 0.40
C ARG A 238 33.07 1.94 0.92
N ARG A 239 33.16 2.11 2.24
CA ARG A 239 34.39 2.37 2.96
C ARG A 239 35.08 3.66 2.56
N TYR A 240 34.29 4.75 2.55
CA TYR A 240 34.73 6.01 1.93
C TYR A 240 35.79 6.59 2.85
N SER A 241 36.90 7.06 2.26
CA SER A 241 38.03 7.59 3.06
C SER A 241 37.77 8.94 3.77
N GLY A 242 36.80 9.69 3.27
CA GLY A 242 36.68 11.08 3.63
C GLY A 242 35.66 11.23 4.75
N GLU A 243 35.52 12.47 5.22
CA GLU A 243 34.63 12.86 6.30
C GLU A 243 33.15 12.78 5.82
N ILE A 244 32.25 12.32 6.69
CA ILE A 244 30.84 12.15 6.31
C ILE A 244 29.91 12.86 7.31
N ILE A 245 29.18 13.87 6.86
CA ILE A 245 28.35 14.65 7.78
C ILE A 245 26.89 14.63 7.35
N GLY A 246 25.98 14.40 8.31
CA GLY A 246 24.57 14.54 8.04
C GLY A 246 23.90 15.59 8.88
N ILE A 247 22.97 16.33 8.28
CA ILE A 247 22.13 17.20 9.07
C ILE A 247 20.66 16.96 8.79
N GLU A 248 19.87 16.99 9.87
CA GLU A 248 18.46 16.75 9.77
C GLU A 248 17.69 17.60 10.79
N LYS A 249 16.60 18.19 10.31
CA LYS A 249 15.84 19.13 11.12
C LYS A 249 15.15 18.47 12.33
N TYR A 250 14.42 17.36 12.09
CA TYR A 250 13.54 16.76 13.11
C TYR A 250 14.20 15.61 13.87
N ARG A 251 14.08 15.62 15.19
CA ARG A 251 14.91 14.75 16.04
C ARG A 251 14.53 13.27 15.88
N LYS A 252 13.28 13.03 15.54
CA LYS A 252 12.79 11.68 15.34
C LYS A 252 13.45 11.02 14.13
N HIS A 253 13.53 11.77 13.04
CA HIS A 253 14.23 11.29 11.82
C HIS A 253 15.71 11.12 12.10
N LEU A 254 16.32 12.10 12.75
CA LEU A 254 17.73 12.02 13.03
C LEU A 254 18.08 10.78 13.87
N ILE A 255 17.27 10.51 14.88
CA ILE A 255 17.47 9.33 15.72
C ILE A 255 17.26 8.10 14.84
N GLY A 256 16.26 8.15 13.98
CA GLY A 256 16.13 7.10 12.99
C GLY A 256 17.37 6.89 12.11
N ALA A 257 18.09 7.95 11.75
CA ALA A 257 19.29 7.79 10.93
C ALA A 257 20.37 7.11 11.78
N GLU A 258 20.47 7.53 13.04
CA GLU A 258 21.45 6.93 13.95
C GLU A 258 21.24 5.44 14.18
N MET A 259 19.99 5.03 14.31
CA MET A 259 19.67 3.63 14.40
C MET A 259 20.04 2.84 13.15
N ASN A 260 19.67 3.34 11.98
CA ASN A 260 20.05 2.62 10.75
C ASN A 260 21.57 2.50 10.65
N ALA A 261 22.27 3.55 11.01
CA ALA A 261 23.73 3.57 11.00
C ALA A 261 24.35 2.54 11.95
N LEU A 262 23.88 2.52 13.20
CA LEU A 262 24.26 1.47 14.14
C LEU A 262 23.89 0.14 13.55
N ALA A 263 22.68 0.00 13.00
CA ALA A 263 22.33 -1.34 12.49
C ALA A 263 23.24 -1.75 11.35
N ALA A 264 23.70 -0.77 10.56
CA ALA A 264 24.65 -1.03 9.45
C ALA A 264 26.12 -1.28 9.83
N GLY A 265 26.53 -0.94 11.05
CA GLY A 265 27.92 -1.12 11.44
C GLY A 265 28.76 0.12 11.30
N VAL A 266 28.13 1.25 10.98
CA VAL A 266 28.87 2.45 10.57
C VAL A 266 28.61 3.74 11.34
N LEU A 267 28.10 3.64 12.57
CA LEU A 267 27.79 4.85 13.36
C LEU A 267 28.99 5.72 13.68
N ASP A 268 30.13 5.09 13.98
CA ASP A 268 31.32 5.86 14.32
C ASP A 268 31.92 6.59 13.10
N LYS A 269 31.40 6.27 11.92
CA LYS A 269 31.92 6.84 10.66
C LYS A 269 31.21 8.09 10.16
N ILE A 270 30.05 8.37 10.75
CA ILE A 270 29.24 9.50 10.29
C ILE A 270 29.00 10.48 11.44
N LYS A 271 29.26 11.76 11.25
CA LYS A 271 28.80 12.74 12.24
C LYS A 271 27.35 13.15 11.93
N PHE A 272 26.47 13.06 12.93
CA PHE A 272 25.05 13.34 12.77
C PHE A 272 24.68 14.50 13.69
N ILE A 273 24.06 15.54 13.13
CA ILE A 273 23.84 16.83 13.80
C ILE A 273 22.37 17.20 13.58
N GLN A 274 21.70 17.64 14.64
CA GLN A 274 20.37 18.22 14.50
C GLN A 274 20.49 19.68 14.11
N GLY A 275 19.85 20.06 13.01
CA GLY A 275 19.95 21.42 12.52
C GLY A 275 19.05 21.71 11.33
N ASP A 276 18.96 22.99 11.01
CA ASP A 276 18.12 23.48 9.96
C ASP A 276 19.07 23.86 8.82
N ALA A 277 18.76 23.35 7.63
CA ALA A 277 19.60 23.55 6.45
C ALA A 277 19.52 24.98 5.95
N THR A 278 18.41 25.66 6.23
CA THR A 278 18.35 27.10 5.96
C THR A 278 19.38 27.97 6.70
N GLN A 279 20.09 27.39 7.69
CA GLN A 279 21.11 28.12 8.46
C GLN A 279 22.46 27.40 8.43
N LEU A 280 22.71 26.71 7.33
CA LEU A 280 23.79 25.73 7.23
C LEU A 280 25.13 26.19 7.81
N SER A 281 25.47 27.46 7.57
CA SER A 281 26.79 27.98 7.91
C SER A 281 27.03 28.18 9.41
N GLN A 282 25.98 28.10 10.23
CA GLN A 282 26.23 28.05 11.66
C GLN A 282 26.77 26.68 12.04
N TYR A 283 26.49 25.69 11.20
CA TYR A 283 26.87 24.33 11.53
C TYR A 283 28.22 23.89 10.96
N VAL A 284 28.60 24.39 9.77
CA VAL A 284 29.89 24.05 9.14
C VAL A 284 30.47 25.25 8.36
N ASP A 285 31.78 25.27 8.15
CA ASP A 285 32.42 26.37 7.40
C ASP A 285 32.82 26.03 5.97
N SER A 286 33.33 24.82 5.75
CA SER A 286 33.66 24.36 4.40
C SER A 286 33.39 22.88 4.25
N VAL A 287 32.72 22.52 3.16
CA VAL A 287 32.55 21.11 2.80
C VAL A 287 32.82 20.93 1.30
N ASP A 288 33.45 19.81 0.94
CA ASP A 288 33.79 19.56 -0.46
C ASP A 288 32.58 19.17 -1.32
N PHE A 289 31.68 18.38 -0.76
CA PHE A 289 30.54 17.89 -1.54
C PHE A 289 29.26 17.95 -0.72
N ALA A 290 28.15 18.19 -1.41
CA ALA A 290 26.85 18.09 -0.78
C ALA A 290 25.97 17.17 -1.61
N ILE A 291 25.31 16.20 -0.98
CA ILE A 291 24.48 15.22 -1.75
C ILE A 291 23.16 15.08 -1.01
N SER A 292 22.05 15.40 -1.66
CA SER A 292 20.77 15.36 -0.91
C SER A 292 19.55 15.03 -1.74
N ASN A 293 18.64 14.28 -1.13
CA ASN A 293 17.29 14.08 -1.65
C ASN A 293 16.33 15.08 -0.95
N LEU A 294 16.05 16.17 -1.64
CA LEU A 294 15.39 17.31 -1.02
C LEU A 294 13.88 17.11 -0.89
N PRO A 295 13.29 17.71 0.16
CA PRO A 295 11.84 17.56 0.40
C PRO A 295 10.97 18.01 -0.81
N TYR A 296 9.98 17.19 -1.15
CA TYR A 296 9.08 17.52 -2.27
C TYR A 296 7.83 18.33 -1.91
N GLY A 297 7.52 18.40 -0.62
CA GLY A 297 6.25 18.98 -0.16
C GLY A 297 5.04 18.12 -0.48
N SER A 304 5.23 25.04 -1.85
CA SER A 304 4.67 26.36 -1.66
CA SER A 304 4.69 26.38 -1.67
C SER A 304 5.40 27.12 -0.54
N MET A 305 5.83 26.39 0.49
CA MET A 305 6.97 26.87 1.30
C MET A 305 8.28 26.33 0.69
N ILE A 306 8.15 25.49 -0.33
CA ILE A 306 9.29 24.82 -0.93
C ILE A 306 10.16 25.86 -1.66
N PRO A 307 9.52 26.78 -2.40
CA PRO A 307 10.31 27.70 -3.19
C PRO A 307 11.23 28.55 -2.35
N ASP A 308 10.82 28.81 -1.11
CA ASP A 308 11.56 29.60 -0.12
C ASP A 308 12.63 28.75 0.60
N LEU A 309 12.24 27.56 1.07
CA LEU A 309 13.23 26.64 1.65
C LEU A 309 14.43 26.46 0.70
N TYR A 310 14.16 26.16 -0.56
CA TYR A 310 15.22 25.99 -1.57
C TYR A 310 16.08 27.25 -1.76
N MET A 311 15.42 28.40 -1.82
CA MET A 311 16.13 29.68 -1.98
C MET A 311 17.14 29.92 -0.86
N LYS A 312 16.68 29.75 0.37
CA LYS A 312 17.52 29.91 1.53
C LYS A 312 18.63 28.87 1.71
N PHE A 313 18.34 27.60 1.43
CA PHE A 313 19.36 26.55 1.49
C PHE A 313 20.48 26.83 0.47
N PHE A 314 20.11 27.18 -0.76
CA PHE A 314 21.15 27.35 -1.77
C PHE A 314 21.96 28.61 -1.54
N ASN A 315 21.41 29.55 -0.78
CA ASN A 315 22.11 30.79 -0.45
C ASN A 315 23.19 30.52 0.61
N GLU A 316 22.89 29.69 1.61
CA GLU A 316 23.88 29.24 2.61
C GLU A 316 24.94 28.26 2.04
N LEU A 317 24.50 27.34 1.19
CA LEU A 317 25.39 26.35 0.54
C LEU A 317 26.46 27.08 -0.22
N ALA A 318 26.03 28.17 -0.85
CA ALA A 318 26.95 28.99 -1.62
C ALA A 318 28.08 29.52 -0.74
N LYS A 319 27.85 29.62 0.58
CA LYS A 319 28.88 30.08 1.51
CA LYS A 319 28.89 30.10 1.50
C LYS A 319 29.90 29.00 1.89
N VAL A 320 29.55 27.74 1.65
CA VAL A 320 30.40 26.67 2.18
C VAL A 320 30.95 25.66 1.18
N LEU A 321 30.35 25.54 0.00
CA LEU A 321 30.65 24.39 -0.83
C LEU A 321 31.92 24.65 -1.63
N GLU A 322 32.89 23.72 -1.57
CA GLU A 322 34.11 23.79 -2.37
C GLU A 322 34.03 23.18 -3.76
N LYS A 323 33.36 22.03 -3.91
CA LYS A 323 33.33 21.39 -5.25
C LYS A 323 31.93 21.21 -5.86
N ARG A 324 31.31 20.05 -5.66
CA ARG A 324 30.03 19.72 -6.35
C ARG A 324 28.90 19.35 -5.40
N GLY A 325 27.69 19.78 -5.76
CA GLY A 325 26.48 19.37 -5.05
C GLY A 325 25.74 18.44 -6.00
N VAL A 326 25.20 17.35 -5.48
CA VAL A 326 24.32 16.49 -6.27
C VAL A 326 22.92 16.50 -5.59
N PHE A 327 21.88 16.86 -6.30
CA PHE A 327 20.52 16.89 -5.66
C PHE A 327 19.39 16.24 -6.47
N ILE A 328 18.40 15.71 -5.78
CA ILE A 328 17.18 15.24 -6.41
C ILE A 328 15.95 15.93 -5.83
N THR A 329 14.98 16.18 -6.71
CA THR A 329 13.73 16.77 -6.26
C THR A 329 12.69 16.62 -7.34
N THR A 330 11.44 16.84 -6.98
CA THR A 330 10.37 16.86 -7.97
C THR A 330 10.13 18.28 -8.43
N GLU A 331 10.60 19.25 -7.67
CA GLU A 331 10.19 20.61 -7.90
C GLU A 331 11.19 21.32 -8.81
N LYS A 332 11.05 21.10 -10.12
CA LYS A 332 12.02 21.56 -11.10
C LYS A 332 12.26 23.08 -10.96
N LYS A 333 11.18 23.84 -11.00
CA LYS A 333 11.23 25.30 -11.14
C LYS A 333 11.79 25.90 -9.85
N ALA A 334 11.40 25.32 -8.72
CA ALA A 334 11.93 25.81 -7.45
C ALA A 334 13.48 25.67 -7.32
N ILE A 335 14.03 24.54 -7.72
CA ILE A 335 15.48 24.30 -7.54
C ILE A 335 16.25 25.11 -8.59
N GLU A 336 15.73 25.18 -9.80
CA GLU A 336 16.43 25.93 -10.85
C GLU A 336 16.48 27.44 -10.60
N GLU A 337 15.50 28.00 -9.88
CA GLU A 337 15.52 29.43 -9.55
C GLU A 337 16.55 29.71 -8.45
N ALA A 338 16.57 28.80 -7.47
CA ALA A 338 17.48 28.89 -6.36
C ALA A 338 18.94 28.74 -6.82
N ILE A 339 19.15 27.87 -7.78
CA ILE A 339 20.47 27.64 -8.35
C ILE A 339 20.93 28.91 -9.08
N ALA A 340 20.16 29.33 -10.07
CA ALA A 340 20.42 30.61 -10.77
C ALA A 340 20.63 31.80 -9.82
N GLU A 341 19.70 32.03 -8.91
CA GLU A 341 19.73 33.25 -8.09
C GLU A 341 20.97 33.22 -7.21
N ASN A 342 21.51 32.03 -7.00
CA ASN A 342 22.56 31.89 -6.02
C ASN A 342 23.95 31.63 -6.60
N GLY A 343 24.08 31.76 -7.92
CA GLY A 343 25.40 31.73 -8.56
C GLY A 343 25.90 30.31 -8.78
N PHE A 344 24.96 29.38 -8.86
CA PHE A 344 25.26 28.04 -9.27
C PHE A 344 25.14 27.83 -10.78
N GLU A 345 25.82 26.77 -11.22
CA GLU A 345 25.89 26.35 -12.60
C GLU A 345 25.50 24.86 -12.64
N ILE A 346 24.54 24.48 -13.50
CA ILE A 346 24.18 23.06 -13.64
C ILE A 346 25.11 22.39 -14.66
N ILE A 347 25.86 21.40 -14.21
CA ILE A 347 26.81 20.70 -15.06
C ILE A 347 26.32 19.29 -15.43
N HIS A 348 25.22 18.81 -14.84
CA HIS A 348 24.55 17.61 -15.33
C HIS A 348 23.11 17.57 -14.88
N HIS A 349 22.21 17.15 -15.77
CA HIS A 349 20.82 16.92 -15.38
C HIS A 349 20.38 15.61 -16.01
N ARG A 350 19.53 14.87 -15.31
CA ARG A 350 18.91 13.66 -15.82
C ARG A 350 17.62 13.42 -15.05
N VAL A 351 16.66 12.72 -15.66
CA VAL A 351 15.40 12.36 -15.03
C VAL A 351 15.48 10.90 -14.61
N ILE A 352 15.00 10.61 -13.42
CA ILE A 352 15.12 9.29 -12.84
C ILE A 352 13.72 8.82 -12.36
N GLY A 353 13.37 7.55 -12.57
CA GLY A 353 12.13 6.97 -12.00
C GLY A 353 12.38 6.39 -10.61
N HIS A 354 11.56 6.79 -9.63
CA HIS A 354 11.84 6.53 -8.22
C HIS A 354 10.59 5.85 -7.66
N GLY A 355 10.38 4.61 -8.08
CA GLY A 355 9.19 3.86 -7.74
C GLY A 355 7.88 4.54 -8.14
N GLY A 356 7.80 4.99 -9.40
CA GLY A 356 6.52 5.47 -9.94
C GLY A 356 6.37 6.98 -9.87
N LEU A 357 7.46 7.65 -9.57
CA LEU A 357 7.53 9.10 -9.50
C LEU A 357 8.74 9.50 -10.34
N MET A 358 8.54 10.30 -11.37
CA MET A 358 9.69 10.84 -12.11
C MET A 358 10.31 11.96 -11.28
N VAL A 359 11.56 11.76 -10.85
CA VAL A 359 12.31 12.82 -10.19
C VAL A 359 13.41 13.36 -11.11
N HIS A 360 13.87 14.56 -10.76
CA HIS A 360 15.03 15.21 -11.35
C HIS A 360 16.30 15.17 -10.49
N LEU A 361 17.43 14.95 -11.15
CA LEU A 361 18.76 14.98 -10.50
C LEU A 361 19.56 16.08 -11.17
N TYR A 362 20.24 16.87 -10.35
CA TYR A 362 21.03 18.02 -10.81
C TYR A 362 22.42 17.86 -10.21
N VAL A 363 23.48 17.90 -11.01
CA VAL A 363 24.83 18.07 -10.43
C VAL A 363 25.19 19.55 -10.58
N VAL A 364 25.58 20.23 -9.50
CA VAL A 364 25.92 21.67 -9.54
C VAL A 364 27.34 22.01 -9.02
N LYS A 365 27.82 23.18 -9.41
CA LYS A 365 29.06 23.75 -8.82
C LYS A 365 28.88 25.26 -8.75
N LEU A 366 29.68 25.98 -7.97
CA LEU A 366 29.60 27.45 -8.04
C LEU A 366 30.13 27.96 -9.38
N GLU A 367 29.41 28.92 -9.98
CA GLU A 367 29.73 29.37 -11.33
C GLU A 367 31.12 29.96 -11.39
N HIS A 368 31.57 30.59 -10.30
CA HIS A 368 32.82 31.35 -10.31
C HIS A 368 34.03 30.50 -9.91
N HIS A 369 33.79 29.22 -9.57
CA HIS A 369 34.89 28.26 -9.40
C HIS A 369 35.43 27.82 -10.77
N HIS A 370 36.75 27.78 -10.89
CA HIS A 370 37.40 27.54 -12.19
C HIS A 370 38.62 26.66 -12.09
N MET B 1 -32.96 -18.69 10.00
CA MET B 1 -31.63 -18.48 9.36
C MET B 1 -30.74 -17.66 10.31
N LYS B 2 -29.43 -17.85 10.17
CA LYS B 2 -28.45 -17.04 10.92
C LYS B 2 -27.47 -16.32 10.01
N PHE B 3 -27.12 -15.07 10.35
CA PHE B 3 -26.26 -14.31 9.47
C PHE B 3 -25.13 -13.73 10.35
N LEU B 4 -23.86 -13.91 9.96
CA LEU B 4 -22.83 -12.99 10.43
C LEU B 4 -22.86 -11.64 9.67
N LEU B 5 -23.03 -10.57 10.44
CA LEU B 5 -22.94 -9.20 9.93
C LEU B 5 -21.66 -8.56 10.46
N THR B 6 -20.80 -8.09 9.56
CA THR B 6 -19.57 -7.42 9.94
C THR B 6 -19.70 -5.89 9.84
N THR B 7 -18.91 -5.21 10.65
CA THR B 7 -18.86 -3.77 10.60
C THR B 7 -17.50 -3.39 11.22
N ALA B 8 -17.26 -2.10 11.47
CA ALA B 8 -15.99 -1.70 12.12
C ALA B 8 -16.00 -2.06 13.59
N GLN B 9 -14.84 -2.43 14.14
CA GLN B 9 -14.69 -2.57 15.60
C GLN B 9 -15.07 -1.27 16.31
N GLY B 10 -15.87 -1.39 17.37
CA GLY B 10 -16.30 -0.27 18.16
C GLY B 10 -17.69 0.26 17.87
N ILE B 11 -18.29 -0.13 16.76
CA ILE B 11 -19.60 0.39 16.40
C ILE B 11 -20.71 -0.67 16.32
N GLU B 12 -20.48 -1.83 16.93
CA GLU B 12 -21.38 -2.97 16.74
C GLU B 12 -22.80 -2.63 17.24
N ASP B 13 -22.87 -1.89 18.36
CA ASP B 13 -24.14 -1.43 18.98
C ASP B 13 -24.96 -0.50 18.08
N ILE B 14 -24.28 0.47 17.46
CA ILE B 14 -24.97 1.31 16.47
C ILE B 14 -25.47 0.53 15.28
N ALA B 15 -24.65 -0.36 14.76
CA ALA B 15 -25.09 -1.17 13.64
C ALA B 15 -26.29 -2.07 14.02
N LYS B 16 -26.28 -2.65 15.23
CA LYS B 16 -27.40 -3.45 15.72
CA LYS B 16 -27.40 -3.46 15.73
C LYS B 16 -28.68 -2.63 15.69
N ARG B 17 -28.58 -1.39 16.18
CA ARG B 17 -29.69 -0.41 16.11
C ARG B 17 -30.23 -0.23 14.69
N GLU B 18 -29.35 0.02 13.74
CA GLU B 18 -29.76 0.24 12.37
C GLU B 18 -30.41 -1.03 11.74
N VAL B 19 -29.78 -2.19 11.93
CA VAL B 19 -30.33 -3.44 11.40
C VAL B 19 -31.73 -3.70 11.94
N SER B 20 -31.90 -3.49 13.25
CA SER B 20 -33.18 -3.74 13.92
C SER B 20 -34.32 -2.88 13.37
N LEU B 21 -34.07 -1.57 13.27
CA LEU B 21 -34.99 -0.66 12.59
C LEU B 21 -35.43 -1.14 11.21
N LEU B 22 -34.46 -1.60 10.41
CA LEU B 22 -34.72 -2.07 9.07
C LEU B 22 -35.61 -3.32 9.02
N LEU B 23 -35.40 -4.22 9.99
CA LEU B 23 -36.02 -5.54 9.97
C LEU B 23 -37.42 -5.51 10.55
N LYS B 24 -37.65 -4.58 11.47
CA LYS B 24 -39.01 -4.24 11.88
C LYS B 24 -39.94 -3.87 10.71
N LYS B 25 -39.41 -3.14 9.73
CA LYS B 25 -40.19 -2.79 8.53
C LYS B 25 -40.69 -4.02 7.81
N LEU B 26 -39.88 -5.07 7.84
CA LEU B 26 -40.18 -6.38 7.24
C LEU B 26 -41.27 -7.11 7.99
N GLY B 27 -41.48 -6.72 9.24
CA GLY B 27 -42.43 -7.41 10.10
C GLY B 27 -41.91 -8.64 10.79
N ILE B 28 -40.66 -9.03 10.54
CA ILE B 28 -40.17 -10.34 10.97
C ILE B 28 -39.64 -10.41 12.42
N SER B 29 -39.72 -11.60 13.00
CA SER B 29 -39.12 -11.83 14.30
C SER B 29 -37.59 -12.03 14.19
N PHE B 30 -36.85 -11.60 15.21
CA PHE B 30 -35.38 -11.65 15.16
C PHE B 30 -34.81 -11.26 16.50
N GLN B 31 -33.59 -11.73 16.76
CA GLN B 31 -32.74 -11.33 17.88
C GLN B 31 -31.34 -11.07 17.28
N ILE B 32 -30.61 -10.08 17.81
CA ILE B 32 -29.23 -9.83 17.41
C ILE B 32 -28.30 -9.79 18.63
N GLU B 33 -27.22 -10.57 18.57
CA GLU B 33 -26.12 -10.52 19.52
C GLU B 33 -24.95 -9.64 19.06
N GLU B 34 -24.58 -8.65 19.87
CA GLU B 34 -23.31 -7.96 19.65
C GLU B 34 -22.10 -8.83 19.96
N LYS B 35 -21.11 -8.81 19.07
CA LYS B 35 -19.82 -9.47 19.31
C LYS B 35 -19.94 -10.96 19.69
N PRO B 36 -20.53 -11.78 18.79
CA PRO B 36 -20.61 -13.21 19.15
C PRO B 36 -19.24 -13.84 19.50
N LEU B 37 -19.21 -14.68 20.54
CA LEU B 37 -17.98 -15.34 21.01
C LEU B 37 -16.85 -14.37 21.32
N GLY B 38 -17.19 -13.16 21.75
CA GLY B 38 -16.18 -12.08 21.99
C GLY B 38 -15.50 -11.32 20.84
N ILE B 39 -15.93 -11.52 19.60
CA ILE B 39 -15.15 -10.96 18.49
C ILE B 39 -15.70 -9.61 18.05
N GLU B 40 -14.81 -8.62 18.04
CA GLU B 40 -15.12 -7.26 17.61
C GLU B 40 -15.40 -7.17 16.09
N GLY B 41 -16.33 -6.29 15.74
CA GLY B 41 -16.65 -6.03 14.34
C GLY B 41 -17.80 -6.93 13.85
N ARG B 42 -18.49 -7.56 14.78
CA ARG B 42 -19.47 -8.60 14.45
C ARG B 42 -20.76 -8.47 15.20
N LEU B 43 -21.79 -8.89 14.50
CA LEU B 43 -23.11 -9.14 15.02
C LEU B 43 -23.49 -10.54 14.53
N LEU B 44 -24.25 -11.28 15.34
CA LEU B 44 -24.87 -12.50 14.88
C LEU B 44 -26.37 -12.25 14.80
N LEU B 45 -26.93 -12.24 13.59
CA LEU B 45 -28.35 -12.08 13.46
C LEU B 45 -29.01 -13.45 13.45
N GLU B 46 -29.96 -13.66 14.35
CA GLU B 46 -30.85 -14.84 14.26
C GLU B 46 -32.25 -14.36 13.88
N ALA B 47 -32.78 -14.82 12.74
CA ALA B 47 -34.05 -14.35 12.17
C ALA B 47 -34.96 -15.49 11.63
N GLU B 48 -36.28 -15.26 11.67
CA GLU B 48 -37.30 -15.98 10.85
C GLU B 48 -37.01 -15.71 9.39
N LYS B 49 -37.24 -16.70 8.54
CA LYS B 49 -37.35 -16.47 7.09
C LYS B 49 -38.48 -15.47 6.84
N ALA B 50 -38.39 -14.70 5.75
CA ALA B 50 -39.42 -13.68 5.45
C ALA B 50 -40.31 -14.13 4.29
N TYR B 51 -41.54 -14.49 4.61
CA TYR B 51 -42.39 -15.19 3.65
C TYR B 51 -43.52 -14.24 3.32
N TYR B 52 -43.97 -14.26 2.07
CA TYR B 52 -45.18 -13.56 1.66
C TYR B 52 -45.89 -14.34 0.57
N VAL B 53 -47.09 -13.92 0.20
CA VAL B 53 -47.86 -14.62 -0.81
C VAL B 53 -47.68 -13.81 -2.07
N ASP B 54 -47.17 -14.45 -3.12
CA ASP B 54 -46.89 -13.74 -4.37
C ASP B 54 -48.10 -13.67 -5.32
N GLU B 55 -47.82 -13.36 -6.59
CA GLU B 55 -48.84 -13.02 -7.57
C GLU B 55 -49.65 -14.24 -8.01
N LYS B 56 -49.08 -15.42 -7.79
CA LYS B 56 -49.76 -16.70 -8.05
C LYS B 56 -50.49 -17.30 -6.86
N GLY B 57 -50.55 -16.59 -5.73
CA GLY B 57 -51.09 -17.21 -4.51
C GLY B 57 -50.17 -18.21 -3.80
N ARG B 58 -48.88 -18.16 -4.11
CA ARG B 58 -47.95 -19.06 -3.48
C ARG B 58 -47.13 -18.40 -2.37
N LYS B 59 -46.76 -19.16 -1.35
CA LYS B 59 -45.75 -18.68 -0.42
C LYS B 59 -44.45 -18.44 -1.15
N ARG B 60 -43.87 -17.27 -0.92
CA ARG B 60 -42.59 -16.94 -1.52
C ARG B 60 -41.64 -16.39 -0.47
N GLU B 61 -40.34 -16.56 -0.67
CA GLU B 61 -39.38 -15.99 0.27
C GLU B 61 -38.75 -14.69 -0.24
N LEU B 62 -38.70 -13.69 0.59
CA LEU B 62 -37.94 -12.47 0.37
C LEU B 62 -36.49 -12.59 0.93
N SER B 63 -35.47 -12.19 0.19
CA SER B 63 -34.07 -12.28 0.64
C SER B 63 -33.68 -11.21 1.66
N ILE B 64 -33.46 -11.67 2.89
CA ILE B 64 -33.07 -10.84 3.98
C ILE B 64 -31.68 -10.27 3.72
N SER B 65 -30.85 -11.06 3.05
CA SER B 65 -29.48 -10.62 2.81
C SER B 65 -29.43 -9.53 1.75
N THR B 66 -30.09 -9.80 0.64
CA THR B 66 -30.30 -8.79 -0.35
C THR B 66 -30.85 -7.52 0.30
N TYR B 67 -31.85 -7.65 1.16
CA TYR B 67 -32.43 -6.48 1.79
C TYR B 67 -31.47 -5.63 2.68
N LEU B 68 -30.63 -6.31 3.44
CA LEU B 68 -29.60 -5.61 4.22
C LEU B 68 -28.47 -5.05 3.36
N ASN B 69 -28.02 -5.83 2.38
CA ASN B 69 -26.99 -5.39 1.43
C ASN B 69 -27.36 -4.03 0.80
N GLU B 70 -28.62 -3.87 0.38
CA GLU B 70 -29.08 -2.65 -0.28
C GLU B 70 -29.40 -1.49 0.63
N ASN B 71 -29.84 -1.73 1.87
CA ASN B 71 -30.43 -0.68 2.70
C ASN B 71 -29.55 -0.25 3.89
N SER B 72 -28.58 -1.07 4.27
CA SER B 72 -27.69 -0.75 5.40
C SER B 72 -26.61 0.24 5.05
N ARG B 73 -26.40 1.20 5.94
CA ARG B 73 -25.32 2.17 5.82
C ARG B 73 -24.12 1.91 6.74
N LEU B 74 -24.24 0.93 7.64
CA LEU B 74 -23.21 0.69 8.68
C LEU B 74 -22.47 -0.64 8.55
N LEU B 75 -23.04 -1.55 7.76
CA LEU B 75 -22.49 -2.91 7.62
C LEU B 75 -21.41 -2.96 6.52
N HIS B 76 -20.47 -3.89 6.68
CA HIS B 76 -19.41 -4.12 5.70
C HIS B 76 -19.75 -5.40 4.89
N ARG B 77 -20.27 -6.42 5.55
CA ARG B 77 -20.53 -7.75 4.92
C ARG B 77 -21.74 -8.41 5.52
N VAL B 78 -22.56 -9.00 4.65
CA VAL B 78 -23.66 -9.79 5.14
C VAL B 78 -23.36 -11.27 4.80
N ILE B 79 -23.22 -12.14 5.79
CA ILE B 79 -22.78 -13.55 5.49
C ILE B 79 -23.74 -14.57 6.10
N ILE B 80 -24.28 -15.45 5.25
CA ILE B 80 -25.10 -16.57 5.76
C ILE B 80 -24.21 -17.51 6.56
N GLU B 81 -24.46 -17.65 7.86
CA GLU B 81 -23.65 -18.56 8.69
C GLU B 81 -23.90 -20.04 8.36
N ILE B 82 -22.82 -20.78 8.17
CA ILE B 82 -22.88 -22.23 8.10
C ILE B 82 -22.40 -22.84 9.45
N ALA B 83 -21.28 -22.36 9.98
CA ALA B 83 -20.83 -22.72 11.34
C ALA B 83 -19.92 -21.66 11.95
N SER B 84 -20.13 -21.35 13.22
CA SER B 84 -19.24 -20.45 13.96
C SER B 84 -18.81 -21.21 15.21
N GLU B 85 -17.51 -21.24 15.51
CA GLU B 85 -16.99 -22.26 16.44
C GLU B 85 -15.62 -21.96 17.10
N LYS B 86 -15.47 -22.31 18.36
CA LYS B 86 -14.23 -22.03 19.08
C LYS B 86 -13.27 -23.23 19.07
N PHE B 87 -12.11 -23.08 18.43
CA PHE B 87 -11.06 -24.10 18.42
C PHE B 87 -10.01 -23.72 19.45
N ASN B 88 -10.29 -24.05 20.72
CA ASN B 88 -9.47 -23.68 21.87
C ASN B 88 -8.03 -24.11 21.65
N GLY B 89 -7.12 -23.15 21.80
CA GLY B 89 -5.69 -23.41 21.77
C GLY B 89 -5.10 -23.44 20.37
N ILE B 90 -5.91 -23.14 19.36
CA ILE B 90 -5.45 -23.33 17.98
C ILE B 90 -4.35 -22.36 17.58
N GLU B 91 -4.32 -21.21 18.25
CA GLU B 91 -3.22 -20.27 18.07
C GLU B 91 -1.90 -20.95 18.42
N LYS B 92 -1.89 -21.72 19.50
CA LYS B 92 -0.67 -22.38 19.93
C LYS B 92 -0.34 -23.67 19.16
N ASP B 93 -1.35 -24.27 18.53
CA ASP B 93 -1.16 -25.53 17.78
C ASP B 93 -0.04 -25.43 16.74
N GLU B 94 0.71 -26.51 16.57
CA GLU B 94 1.62 -26.64 15.41
C GLU B 94 0.81 -26.63 14.12
N SER B 95 1.46 -26.37 13.00
CA SER B 95 0.76 -25.90 11.82
C SER B 95 -0.07 -26.99 11.12
N GLU B 96 0.54 -28.15 10.93
CA GLU B 96 -0.19 -29.28 10.37
C GLU B 96 -1.34 -29.78 11.28
N GLU B 97 -1.23 -29.55 12.59
CA GLU B 97 -2.30 -29.91 13.53
C GLU B 97 -3.45 -28.87 13.52
N ALA B 98 -3.11 -27.58 13.53
CA ALA B 98 -4.09 -26.52 13.29
C ALA B 98 -4.94 -26.73 12.02
N LEU B 99 -4.27 -26.93 10.89
CA LEU B 99 -4.95 -27.18 9.62
C LEU B 99 -5.76 -28.48 9.59
N LYS B 100 -5.24 -29.52 10.24
CA LYS B 100 -6.02 -30.74 10.39
C LYS B 100 -7.36 -30.51 11.11
N ARG B 101 -7.37 -29.68 12.15
CA ARG B 101 -8.60 -29.46 12.93
C ARG B 101 -9.66 -28.76 12.03
N ILE B 102 -9.21 -27.75 11.28
CA ILE B 102 -10.09 -26.99 10.38
C ILE B 102 -10.64 -27.87 9.25
N LYS B 103 -9.78 -28.66 8.61
CA LYS B 103 -10.22 -29.54 7.52
C LYS B 103 -11.25 -30.53 7.99
N ASP B 104 -11.03 -31.07 9.18
CA ASP B 104 -11.86 -32.14 9.75
C ASP B 104 -13.22 -31.57 10.11
N PHE B 105 -13.19 -30.35 10.66
CA PHE B 105 -14.43 -29.62 10.97
C PHE B 105 -15.23 -29.31 9.72
N VAL B 106 -14.55 -28.78 8.70
CA VAL B 106 -15.26 -28.42 7.44
C VAL B 106 -15.86 -29.64 6.69
N SER B 107 -15.07 -30.68 6.53
CA SER B 107 -15.57 -31.97 6.00
C SER B 107 -16.92 -32.41 6.53
N SER B 108 -17.21 -32.11 7.79
CA SER B 108 -18.51 -32.47 8.39
C SER B 108 -19.67 -31.49 8.14
N LEU B 109 -19.33 -30.29 7.67
CA LEU B 109 -20.35 -29.29 7.42
C LEU B 109 -21.13 -29.71 6.18
N PRO B 110 -22.45 -29.55 6.23
CA PRO B 110 -23.36 -29.75 5.08
C PRO B 110 -23.32 -28.70 3.93
N VAL B 111 -22.14 -28.53 3.33
CA VAL B 111 -21.84 -27.42 2.41
C VAL B 111 -22.65 -27.53 1.09
N GLU B 112 -23.00 -28.76 0.74
CA GLU B 112 -23.85 -29.05 -0.42
C GLU B 112 -25.27 -28.45 -0.34
N GLN B 113 -25.72 -28.08 0.85
CA GLN B 113 -27.02 -27.41 1.01
C GLN B 113 -26.97 -25.87 0.85
N PHE B 114 -25.84 -25.33 0.41
CA PHE B 114 -25.65 -23.88 0.31
C PHE B 114 -25.11 -23.46 -1.05
N VAL B 115 -24.90 -24.44 -1.90
CA VAL B 115 -24.51 -24.18 -3.27
C VAL B 115 -25.20 -25.26 -4.08
N LYS B 116 -25.47 -24.98 -5.34
CA LYS B 116 -25.86 -26.04 -6.25
C LYS B 116 -24.61 -26.84 -6.63
N VAL B 117 -24.71 -27.73 -7.61
CA VAL B 117 -23.50 -28.37 -8.13
C VAL B 117 -23.23 -27.86 -9.54
N SER B 118 -24.24 -27.20 -10.10
CA SER B 118 -24.08 -26.37 -11.28
C SER B 118 -23.31 -25.04 -11.07
N GLU B 119 -23.13 -24.59 -9.82
CA GLU B 119 -22.53 -23.26 -9.61
C GLU B 119 -21.02 -23.35 -9.28
N THR B 120 -20.21 -22.43 -9.79
CA THR B 120 -18.79 -22.43 -9.38
C THR B 120 -18.62 -21.88 -7.98
N PHE B 121 -17.53 -22.25 -7.32
CA PHE B 121 -17.26 -21.66 -6.03
C PHE B 121 -15.80 -21.23 -5.90
N ALA B 122 -15.56 -20.20 -5.07
CA ALA B 122 -14.22 -19.95 -4.54
C ALA B 122 -14.28 -19.89 -3.02
N VAL B 123 -13.12 -19.87 -2.38
CA VAL B 123 -13.04 -19.66 -0.93
C VAL B 123 -12.25 -18.39 -0.62
N ARG B 124 -12.84 -17.43 0.08
CA ARG B 124 -12.04 -16.30 0.52
C ARG B 124 -11.78 -16.47 1.99
N SER B 125 -10.63 -15.98 2.45
CA SER B 125 -10.19 -16.21 3.81
C SER B 125 -9.68 -14.90 4.39
N PHE B 126 -9.93 -14.73 5.69
CA PHE B 126 -9.42 -13.64 6.51
C PHE B 126 -8.86 -14.25 7.81
N ARG B 127 -7.72 -13.73 8.28
CA ARG B 127 -7.00 -14.27 9.45
C ARG B 127 -6.36 -13.20 10.35
N LYS B 128 -6.73 -13.18 11.64
CA LYS B 128 -6.12 -12.24 12.59
C LYS B 128 -5.87 -12.85 13.97
N GLY B 129 -4.71 -12.53 14.55
CA GLY B 129 -4.24 -13.18 15.77
C GLY B 129 -2.86 -13.77 15.53
N ASP B 130 -2.38 -14.61 16.45
CA ASP B 130 -1.04 -15.16 16.31
C ASP B 130 -1.11 -16.67 16.17
N HIS B 131 -1.18 -17.16 14.92
CA HIS B 131 -1.21 -18.60 14.65
C HIS B 131 0.09 -19.05 14.00
N ASN B 132 0.20 -20.34 13.76
CA ASN B 132 1.34 -20.89 13.04
C ASN B 132 0.95 -21.13 11.60
N ILE B 133 -0.23 -20.63 11.21
CA ILE B 133 -0.72 -20.75 9.83
C ILE B 133 -1.07 -19.37 9.27
N THR B 134 -1.06 -19.25 7.95
CA THR B 134 -1.49 -18.01 7.29
C THR B 134 -2.92 -18.12 6.75
N SER B 135 -3.48 -16.97 6.36
CA SER B 135 -4.79 -16.93 5.73
C SER B 135 -4.83 -17.75 4.45
N ILE B 136 -3.66 -17.89 3.80
CA ILE B 136 -3.54 -18.56 2.51
C ILE B 136 -3.64 -20.09 2.68
N ASP B 137 -3.05 -20.60 3.76
CA ASP B 137 -3.24 -21.99 4.17
C ASP B 137 -4.67 -22.26 4.56
N ILE B 138 -5.28 -21.33 5.30
CA ILE B 138 -6.70 -21.49 5.62
C ILE B 138 -7.52 -21.70 4.35
N ALA B 139 -7.32 -20.83 3.37
CA ALA B 139 -8.10 -20.89 2.12
C ALA B 139 -7.92 -22.21 1.37
N ARG B 140 -6.70 -22.73 1.30
CA ARG B 140 -6.43 -23.97 0.55
C ARG B 140 -7.03 -25.21 1.22
N THR B 141 -6.80 -25.32 2.52
CA THR B 141 -7.36 -26.39 3.30
C THR B 141 -8.90 -26.37 3.29
N VAL B 142 -9.50 -25.20 3.48
CA VAL B 142 -10.98 -25.06 3.41
C VAL B 142 -11.48 -25.42 2.01
N GLY B 143 -10.76 -24.92 1.00
CA GLY B 143 -10.93 -25.34 -0.38
C GLY B 143 -10.92 -26.83 -0.65
N GLU B 144 -9.92 -27.53 -0.16
CA GLU B 144 -9.81 -28.98 -0.41
C GLU B 144 -11.00 -29.71 0.20
N ALA B 145 -11.19 -29.51 1.50
CA ALA B 145 -12.37 -29.96 2.22
C ALA B 145 -13.69 -29.69 1.48
N ILE B 146 -13.94 -28.45 1.10
CA ILE B 146 -15.21 -28.20 0.40
C ILE B 146 -15.27 -28.96 -0.92
N PHE B 147 -14.16 -29.00 -1.64
CA PHE B 147 -14.16 -29.65 -2.97
C PHE B 147 -14.37 -31.17 -2.88
N GLU B 148 -13.66 -31.80 -1.94
CA GLU B 148 -13.84 -33.21 -1.63
C GLU B 148 -15.28 -33.55 -1.20
N ARG B 149 -15.85 -32.79 -0.26
CA ARG B 149 -17.23 -33.10 0.16
C ARG B 149 -18.16 -33.04 -1.04
N LEU B 150 -18.06 -31.97 -1.81
CA LEU B 150 -19.00 -31.74 -2.91
C LEU B 150 -18.84 -32.77 -4.03
N SER B 151 -17.64 -33.29 -4.22
CA SER B 151 -17.40 -34.28 -5.27
C SER B 151 -18.07 -35.62 -4.94
N ARG B 152 -18.57 -35.74 -3.70
CA ARG B 152 -19.49 -36.84 -3.35
C ARG B 152 -20.85 -36.69 -4.03
N PHE B 153 -21.27 -35.46 -4.28
CA PHE B 153 -22.64 -35.19 -4.76
C PHE B 153 -22.75 -34.88 -6.25
N GLY B 154 -21.62 -34.96 -6.96
CA GLY B 154 -21.56 -34.53 -8.34
C GLY B 154 -20.18 -34.03 -8.72
N THR B 155 -20.13 -33.25 -9.80
CA THR B 155 -18.89 -32.62 -10.24
C THR B 155 -18.86 -31.14 -9.85
N PRO B 156 -18.01 -30.78 -8.86
CA PRO B 156 -17.95 -29.38 -8.43
C PRO B 156 -17.08 -28.60 -9.39
N LEU B 157 -17.31 -27.28 -9.48
CA LEU B 157 -16.57 -26.46 -10.42
C LEU B 157 -15.98 -25.22 -9.73
N VAL B 158 -14.69 -25.00 -9.96
CA VAL B 158 -14.01 -23.88 -9.33
C VAL B 158 -13.84 -22.70 -10.28
N ASN B 159 -13.81 -21.51 -9.70
CA ASN B 159 -13.54 -20.25 -10.41
C ASN B 159 -13.03 -19.37 -9.30
N LEU B 160 -11.77 -18.99 -9.39
CA LEU B 160 -11.19 -18.12 -8.40
C LEU B 160 -11.65 -16.68 -8.59
N ASP B 161 -11.89 -16.27 -9.83
CA ASP B 161 -12.02 -14.85 -10.14
C ASP B 161 -13.45 -14.34 -10.02
N HIS B 162 -14.38 -15.08 -10.63
CA HIS B 162 -15.80 -14.75 -10.63
C HIS B 162 -16.70 -15.93 -10.22
N PRO B 163 -16.52 -16.43 -8.99
CA PRO B 163 -17.37 -17.55 -8.53
C PRO B 163 -18.83 -17.11 -8.44
N ALA B 164 -19.75 -18.04 -8.66
CA ALA B 164 -21.18 -17.78 -8.40
C ALA B 164 -21.49 -17.75 -6.92
N VAL B 165 -20.77 -18.56 -6.14
CA VAL B 165 -20.91 -18.58 -4.68
C VAL B 165 -19.54 -18.42 -4.04
N ILE B 166 -19.43 -17.52 -3.08
CA ILE B 166 -18.20 -17.40 -2.29
C ILE B 166 -18.40 -17.97 -0.89
N PHE B 167 -17.63 -19.00 -0.55
CA PHE B 167 -17.47 -19.41 0.84
C PHE B 167 -16.47 -18.49 1.53
N ARG B 168 -16.82 -17.98 2.71
CA ARG B 168 -15.90 -17.12 3.44
C ARG B 168 -15.50 -17.75 4.75
N ALA B 169 -14.19 -17.97 4.89
CA ALA B 169 -13.64 -18.63 6.05
C ALA B 169 -12.77 -17.65 6.79
N GLU B 170 -13.11 -17.44 8.06
CA GLU B 170 -12.41 -16.50 8.93
C GLU B 170 -11.87 -17.19 10.20
N LEU B 171 -10.69 -16.77 10.63
CA LEU B 171 -10.12 -17.30 11.84
C LEU B 171 -9.57 -16.14 12.66
N ILE B 172 -10.23 -15.80 13.76
CA ILE B 172 -9.83 -14.66 14.57
C ILE B 172 -9.60 -15.14 16.00
N LYS B 173 -8.34 -15.04 16.41
CA LYS B 173 -7.82 -15.69 17.61
C LYS B 173 -8.19 -17.18 17.64
N ASP B 174 -9.05 -17.57 18.57
CA ASP B 174 -9.47 -18.97 18.71
C ASP B 174 -10.82 -19.29 18.02
N VAL B 175 -11.37 -18.30 17.32
CA VAL B 175 -12.69 -18.40 16.67
C VAL B 175 -12.62 -18.63 15.14
N PHE B 176 -13.25 -19.72 14.71
CA PHE B 176 -13.36 -20.11 13.29
C PHE B 176 -14.77 -19.83 12.86
N PHE B 177 -14.92 -19.36 11.62
CA PHE B 177 -16.23 -19.11 11.06
C PHE B 177 -16.23 -19.52 9.60
N LEU B 178 -17.31 -20.15 9.15
CA LEU B 178 -17.50 -20.43 7.74
C LEU B 178 -18.89 -19.96 7.38
N GLY B 179 -19.03 -19.43 6.18
CA GLY B 179 -20.30 -19.01 5.65
C GLY B 179 -20.23 -18.55 4.19
N ILE B 180 -21.38 -18.12 3.67
CA ILE B 180 -21.55 -17.71 2.27
C ILE B 180 -21.60 -16.17 2.29
N ASP B 181 -20.61 -15.55 1.64
CA ASP B 181 -20.52 -14.09 1.48
C ASP B 181 -21.49 -13.66 0.38
N THR B 182 -22.64 -13.11 0.80
CA THR B 182 -23.63 -12.59 -0.13
C THR B 182 -23.31 -11.17 -0.56
N THR B 183 -22.36 -10.52 0.12
CA THR B 183 -21.94 -9.18 -0.26
C THR B 183 -21.04 -9.20 -1.49
N GLY B 184 -20.02 -10.03 -1.42
CA GLY B 184 -19.16 -10.27 -2.57
C GLY B 184 -17.76 -9.83 -2.25
N ASP B 185 -16.95 -9.70 -3.29
CA ASP B 185 -15.58 -9.28 -3.14
C ASP B 185 -15.41 -7.82 -2.68
N SER B 186 -16.32 -6.94 -3.09
CA SER B 186 -16.17 -5.58 -2.60
C SER B 186 -17.13 -5.29 -1.45
N SER B 187 -16.61 -4.74 -0.36
CA SER B 187 -17.44 -4.61 0.81
C SER B 187 -18.41 -3.44 0.63
N LEU B 188 -19.48 -3.44 1.41
CA LEU B 188 -20.40 -2.34 1.44
C LEU B 188 -19.80 -0.96 1.76
N HIS B 189 -18.73 -0.86 2.53
CA HIS B 189 -18.13 0.51 2.71
C HIS B 189 -17.49 1.09 1.43
N LYS B 190 -17.26 0.25 0.41
CA LYS B 190 -16.80 0.76 -0.91
C LYS B 190 -17.93 1.37 -1.70
N ARG B 191 -18.01 2.69 -1.62
CA ARG B 191 -19.08 3.49 -2.20
C ARG B 191 -18.81 3.86 -3.67
N PRO B 192 -19.86 3.80 -4.48
CA PRO B 192 -19.55 3.94 -5.90
C PRO B 192 -19.43 5.41 -6.26
N TRP B 193 -19.88 6.31 -5.37
CA TRP B 193 -19.73 7.76 -5.62
C TRP B 193 -18.30 8.24 -5.41
N ARG B 194 -17.49 7.40 -4.77
CA ARG B 194 -16.16 7.85 -4.40
C ARG B 194 -15.17 7.84 -5.57
N VAL B 195 -15.18 8.90 -6.39
CA VAL B 195 -14.28 8.96 -7.55
C VAL B 195 -13.05 9.80 -7.24
N TYR B 196 -13.02 10.39 -6.06
CA TYR B 196 -11.86 11.09 -5.60
C TYR B 196 -11.42 10.52 -4.25
N ASP B 197 -10.17 10.06 -4.20
CA ASP B 197 -9.67 9.20 -3.11
C ASP B 197 -8.73 9.97 -2.17
N HIS B 198 -9.28 10.68 -1.18
CA HIS B 198 -8.46 11.28 -0.14
C HIS B 198 -7.63 10.16 0.51
N PRO B 199 -6.29 10.32 0.58
CA PRO B 199 -5.46 9.27 1.17
C PRO B 199 -5.75 9.10 2.67
N ALA B 200 -6.31 10.15 3.27
CA ALA B 200 -6.87 10.08 4.61
C ALA B 200 -8.40 9.99 4.68
N HIS B 201 -9.10 9.56 3.61
CA HIS B 201 -10.58 9.54 3.70
C HIS B 201 -11.07 8.69 4.88
N LEU B 202 -12.25 9.05 5.37
CA LEU B 202 -12.94 8.23 6.36
C LEU B 202 -13.75 7.11 5.71
N LYS B 203 -13.64 5.90 6.25
CA LYS B 203 -14.56 4.83 5.87
C LYS B 203 -16.03 5.26 6.01
N ALA B 204 -16.86 4.92 5.03
CA ALA B 204 -18.23 5.49 4.94
C ALA B 204 -19.18 4.98 6.06
N SER B 205 -18.94 3.74 6.52
CA SER B 205 -19.59 3.19 7.71
C SER B 205 -19.28 3.94 9.02
N ILE B 206 -18.04 4.30 9.24
CA ILE B 206 -17.74 5.06 10.43
C ILE B 206 -18.34 6.48 10.36
N ALA B 207 -18.41 6.99 9.15
CA ALA B 207 -19.04 8.28 8.90
C ALA B 207 -20.52 8.30 9.37
N ASN B 208 -21.27 7.25 9.02
CA ASN B 208 -22.66 7.11 9.45
C ASN B 208 -22.80 6.88 10.94
N ALA B 209 -21.89 6.11 11.54
CA ALA B 209 -21.87 6.02 12.98
C ALA B 209 -21.69 7.40 13.72
N MET B 210 -20.85 8.29 13.20
CA MET B 210 -20.75 9.67 13.73
C MET B 210 -22.05 10.48 13.59
N ILE B 211 -22.73 10.30 12.45
CA ILE B 211 -24.04 10.83 12.22
C ILE B 211 -25.07 10.38 13.24
N GLU B 212 -25.11 9.08 13.53
CA GLU B 212 -26.00 8.55 14.52
C GLU B 212 -25.72 9.12 15.88
N LEU B 213 -24.43 9.19 16.22
CA LEU B 213 -24.01 9.63 17.55
C LEU B 213 -24.21 11.15 17.74
N ALA B 214 -24.52 11.85 16.66
CA ALA B 214 -24.89 13.27 16.82
C ALA B 214 -26.29 13.52 17.36
N GLU B 215 -27.16 12.51 17.21
CA GLU B 215 -28.60 12.64 17.50
C GLU B 215 -29.26 13.85 16.75
N LEU B 216 -29.18 13.85 15.41
CA LEU B 216 -29.57 15.04 14.65
C LEU B 216 -31.09 15.23 14.66
N ASP B 217 -31.49 16.49 14.54
CA ASP B 217 -32.87 16.87 14.69
C ASP B 217 -33.36 17.80 13.56
N GLY B 218 -32.61 17.91 12.46
CA GLY B 218 -32.98 18.82 11.35
C GLY B 218 -32.31 20.18 11.40
N GLY B 219 -31.56 20.41 12.47
CA GLY B 219 -30.73 21.63 12.53
C GLY B 219 -29.51 21.51 11.65
N SER B 220 -28.82 22.64 11.48
CA SER B 220 -27.75 22.72 10.51
C SER B 220 -26.47 21.99 10.94
N VAL B 221 -25.74 21.52 9.94
CA VAL B 221 -24.63 20.60 10.17
C VAL B 221 -23.43 21.02 9.35
N LEU B 222 -22.30 21.15 10.05
CA LEU B 222 -21.04 21.64 9.46
C LEU B 222 -19.92 20.59 9.65
N ASP B 223 -19.17 20.28 8.58
CA ASP B 223 -17.85 19.64 8.74
C ASP B 223 -16.79 20.68 8.43
N PRO B 224 -16.10 21.18 9.47
CA PRO B 224 -15.24 22.34 9.22
C PRO B 224 -13.91 21.96 8.62
N MET B 225 -13.59 20.66 8.62
CA MET B 225 -12.40 20.15 7.93
C MET B 225 -12.74 18.95 7.07
N CYS B 226 -13.42 19.16 5.97
CA CYS B 226 -14.30 18.14 5.35
C CYS B 226 -13.62 17.21 4.34
N GLY B 227 -12.41 17.57 3.91
CA GLY B 227 -11.63 16.65 3.09
C GLY B 227 -12.34 16.37 1.77
N SER B 228 -12.57 15.10 1.44
CA SER B 228 -13.36 14.73 0.26
C SER B 228 -14.88 14.64 0.46
N GLY B 229 -15.36 15.02 1.62
CA GLY B 229 -16.79 15.22 1.78
C GLY B 229 -17.60 13.99 2.18
N THR B 230 -16.95 12.87 2.53
CA THR B 230 -17.65 11.61 2.90
C THR B 230 -18.79 11.81 3.91
N ILE B 231 -18.50 12.54 4.99
CA ILE B 231 -19.51 12.73 6.03
C ILE B 231 -20.75 13.48 5.51
N LEU B 232 -20.52 14.65 4.95
CA LEU B 232 -21.57 15.46 4.35
C LEU B 232 -22.34 14.75 3.23
N ILE B 233 -21.67 13.91 2.46
CA ILE B 233 -22.31 13.21 1.32
C ILE B 233 -23.20 12.06 1.81
N GLU B 234 -22.69 11.30 2.76
CA GLU B 234 -23.49 10.30 3.47
C GLU B 234 -24.73 10.90 4.20
N LEU B 235 -24.58 12.08 4.82
CA LEU B 235 -25.71 12.83 5.40
C LEU B 235 -26.75 13.23 4.34
N ALA B 236 -26.30 13.79 3.23
CA ALA B 236 -27.24 14.14 2.16
C ALA B 236 -27.92 12.90 1.56
N LEU B 237 -27.15 11.82 1.41
CA LEU B 237 -27.72 10.60 0.84
C LEU B 237 -28.74 10.00 1.81
N ARG B 238 -28.69 10.43 3.07
CA ARG B 238 -29.71 10.05 4.01
C ARG B 238 -30.99 10.85 3.86
N ARG B 239 -30.97 11.88 3.02
CA ARG B 239 -32.16 12.68 2.86
C ARG B 239 -32.33 13.57 4.08
N TYR B 240 -31.25 14.19 4.52
CA TYR B 240 -31.33 15.05 5.70
C TYR B 240 -32.10 16.31 5.35
N SER B 241 -32.98 16.75 6.24
CA SER B 241 -33.85 17.91 5.92
C SER B 241 -33.12 19.21 6.20
N GLY B 242 -32.07 19.17 7.00
CA GLY B 242 -31.36 20.40 7.39
C GLY B 242 -30.30 20.84 6.40
N GLU B 243 -29.78 22.07 6.58
CA GLU B 243 -28.57 22.57 5.88
C GLU B 243 -27.32 21.74 6.17
N ILE B 244 -26.47 21.63 5.15
CA ILE B 244 -25.21 20.91 5.25
C ILE B 244 -24.10 21.75 4.64
N ILE B 245 -23.01 21.91 5.39
CA ILE B 245 -21.90 22.80 5.01
C ILE B 245 -20.54 22.12 5.28
N GLY B 246 -19.64 22.20 4.31
CA GLY B 246 -18.26 21.73 4.50
C GLY B 246 -17.29 22.88 4.35
N ILE B 247 -16.27 22.95 5.22
CA ILE B 247 -15.17 23.85 4.96
C ILE B 247 -13.94 23.00 4.76
N GLU B 248 -13.23 23.27 3.66
CA GLU B 248 -11.94 22.66 3.41
C GLU B 248 -10.89 23.69 2.96
N LYS B 249 -9.69 23.55 3.50
CA LYS B 249 -8.69 24.57 3.29
C LYS B 249 -7.94 24.42 1.96
N TYR B 250 -7.63 23.19 1.56
CA TYR B 250 -6.89 22.95 0.31
C TYR B 250 -7.80 22.68 -0.89
N ARG B 251 -7.64 23.52 -1.91
CA ARG B 251 -8.58 23.61 -3.03
C ARG B 251 -8.78 22.31 -3.75
N LYS B 252 -7.69 21.57 -3.92
CA LYS B 252 -7.74 20.30 -4.61
C LYS B 252 -8.61 19.27 -3.90
N HIS B 253 -8.52 19.22 -2.57
CA HIS B 253 -9.45 18.41 -1.80
C HIS B 253 -10.88 18.82 -1.98
N LEU B 254 -11.15 20.13 -1.95
CA LEU B 254 -12.50 20.65 -2.09
C LEU B 254 -13.11 20.39 -3.46
N ILE B 255 -12.30 20.49 -4.51
CA ILE B 255 -12.79 20.13 -5.85
C ILE B 255 -13.09 18.64 -5.89
N GLY B 256 -12.29 17.83 -5.21
CA GLY B 256 -12.59 16.36 -5.13
C GLY B 256 -13.89 16.02 -4.38
N ALA B 257 -14.22 16.80 -3.36
CA ALA B 257 -15.50 16.60 -2.61
C ALA B 257 -16.71 16.97 -3.45
N GLU B 258 -16.55 18.00 -4.29
CA GLU B 258 -17.63 18.41 -5.18
C GLU B 258 -17.84 17.38 -6.25
N MET B 259 -16.73 16.80 -6.72
CA MET B 259 -16.75 15.67 -7.66
C MET B 259 -17.45 14.44 -7.07
N ASN B 260 -17.06 14.07 -5.85
CA ASN B 260 -17.75 12.98 -5.12
C ASN B 260 -19.27 13.24 -4.98
N ALA B 261 -19.60 14.48 -4.64
CA ALA B 261 -20.98 14.93 -4.41
C ALA B 261 -21.79 14.95 -5.71
N LEU B 262 -21.17 15.41 -6.79
CA LEU B 262 -21.80 15.23 -8.12
C LEU B 262 -21.93 13.76 -8.53
N ALA B 263 -20.92 12.95 -8.27
CA ALA B 263 -21.05 11.50 -8.54
C ALA B 263 -22.17 10.80 -7.72
N ALA B 264 -22.45 11.30 -6.52
CA ALA B 264 -23.52 10.72 -5.71
C ALA B 264 -24.89 11.37 -5.94
N GLY B 265 -24.93 12.47 -6.68
CA GLY B 265 -26.19 13.10 -7.01
C GLY B 265 -26.68 14.06 -5.95
N VAL B 266 -25.77 14.60 -5.14
CA VAL B 266 -26.19 15.48 -4.04
C VAL B 266 -25.44 16.78 -3.94
N LEU B 267 -24.81 17.20 -5.04
CA LEU B 267 -24.01 18.39 -5.04
C LEU B 267 -24.83 19.63 -4.69
N ASP B 268 -26.06 19.71 -5.19
CA ASP B 268 -26.92 20.87 -4.90
C ASP B 268 -27.44 20.95 -3.48
N LYS B 269 -27.22 19.89 -2.71
CA LYS B 269 -27.65 19.88 -1.31
C LYS B 269 -26.58 20.34 -0.29
N ILE B 270 -25.34 20.49 -0.71
CA ILE B 270 -24.23 20.72 0.21
C ILE B 270 -23.57 22.08 -0.11
N LYS B 271 -23.36 22.92 0.90
CA LYS B 271 -22.57 24.13 0.68
C LYS B 271 -21.09 23.89 1.00
N PHE B 272 -20.25 23.97 -0.03
CA PHE B 272 -18.80 23.73 0.11
C PHE B 272 -18.02 25.04 0.14
N ILE B 273 -17.14 25.20 1.11
CA ILE B 273 -16.43 26.46 1.22
C ILE B 273 -14.94 26.22 1.42
N GLN B 274 -14.11 27.00 0.72
CA GLN B 274 -12.67 26.99 0.97
C GLN B 274 -12.39 27.96 2.10
N GLY B 275 -11.69 27.47 3.10
CA GLY B 275 -11.53 28.29 4.29
C GLY B 275 -10.65 27.60 5.29
N ASP B 276 -10.21 28.36 6.26
CA ASP B 276 -9.41 27.80 7.31
C ASP B 276 -10.25 27.74 8.57
N ALA B 277 -10.42 26.55 9.12
CA ALA B 277 -11.28 26.37 10.29
C ALA B 277 -10.72 27.00 11.58
N THR B 278 -9.43 27.34 11.59
CA THR B 278 -8.93 28.14 12.70
C THR B 278 -9.56 29.52 12.74
N GLN B 279 -10.24 29.91 11.66
CA GLN B 279 -10.90 31.21 11.59
C GLN B 279 -12.41 31.07 11.41
N LEU B 280 -12.96 29.97 11.92
CA LEU B 280 -14.35 29.54 11.67
C LEU B 280 -15.44 30.63 11.74
N SER B 281 -15.42 31.40 12.83
CA SER B 281 -16.35 32.51 13.04
C SER B 281 -16.42 33.54 11.90
N GLN B 282 -15.46 33.50 10.99
CA GLN B 282 -15.51 34.36 9.79
C GLN B 282 -16.36 33.80 8.65
N TYR B 283 -16.59 32.49 8.63
CA TYR B 283 -17.40 31.93 7.55
C TYR B 283 -18.82 31.58 7.98
N VAL B 284 -19.01 31.40 9.29
CA VAL B 284 -20.34 31.13 9.85
C VAL B 284 -20.56 31.82 11.23
N ASP B 285 -21.83 32.14 11.51
CA ASP B 285 -22.27 32.79 12.78
C ASP B 285 -22.75 31.81 13.87
N SER B 286 -23.22 30.65 13.43
CA SER B 286 -24.05 29.79 14.27
C SER B 286 -24.37 28.50 13.48
N VAL B 287 -24.22 27.37 14.15
CA VAL B 287 -24.39 26.06 13.51
C VAL B 287 -24.92 25.11 14.58
N ASP B 288 -25.90 24.30 14.23
CA ASP B 288 -26.45 23.43 15.27
C ASP B 288 -25.46 22.30 15.65
N PHE B 289 -24.72 21.79 14.67
CA PHE B 289 -23.85 20.63 14.87
C PHE B 289 -22.57 20.76 14.04
N ALA B 290 -21.49 20.15 14.50
CA ALA B 290 -20.26 20.02 13.75
C ALA B 290 -19.79 18.58 13.83
N ILE B 291 -19.40 18.00 12.68
CA ILE B 291 -18.95 16.60 12.65
C ILE B 291 -17.66 16.49 11.81
N SER B 292 -16.54 16.05 12.38
CA SER B 292 -15.32 16.03 11.60
C SER B 292 -14.39 14.88 11.98
N ASN B 293 -13.71 14.35 10.98
CA ASN B 293 -12.55 13.45 11.15
C ASN B 293 -11.33 14.39 11.09
N LEU B 294 -10.79 14.77 12.24
CA LEU B 294 -9.71 15.77 12.29
C LEU B 294 -8.37 15.21 11.77
N PRO B 295 -7.44 16.09 11.36
CA PRO B 295 -6.14 15.59 10.87
C PRO B 295 -5.34 14.97 12.01
N TYR B 296 -4.82 13.76 11.81
CA TYR B 296 -4.13 13.02 12.87
C TYR B 296 -2.63 13.34 12.82
N GLY B 297 -2.19 13.90 11.70
CA GLY B 297 -0.77 13.97 11.42
C GLY B 297 -0.22 12.64 10.91
N SER B 304 3.42 19.53 18.81
CA SER B 304 3.74 20.04 17.48
C SER B 304 2.63 20.95 16.94
N MET B 305 2.35 20.82 15.65
CA MET B 305 1.31 21.62 15.02
C MET B 305 -0.09 21.18 15.41
N ILE B 306 -0.31 19.87 15.48
CA ILE B 306 -1.61 19.33 15.87
C ILE B 306 -2.20 20.00 17.13
N PRO B 307 -1.47 19.97 18.27
CA PRO B 307 -2.07 20.48 19.51
C PRO B 307 -2.50 21.93 19.35
N ASP B 308 -1.75 22.67 18.54
CA ASP B 308 -1.99 24.10 18.27
C ASP B 308 -3.21 24.32 17.37
N LEU B 309 -3.38 23.45 16.38
CA LEU B 309 -4.53 23.49 15.46
C LEU B 309 -5.84 23.31 16.24
N TYR B 310 -5.85 22.30 17.12
CA TYR B 310 -7.04 21.93 17.87
C TYR B 310 -7.48 23.05 18.83
N MET B 311 -6.52 23.67 19.52
CA MET B 311 -6.82 24.82 20.41
C MET B 311 -7.53 25.94 19.68
N LYS B 312 -6.95 26.33 18.56
CA LYS B 312 -7.50 27.42 17.78
C LYS B 312 -8.89 27.06 17.26
N PHE B 313 -9.01 25.87 16.67
CA PHE B 313 -10.29 25.39 16.10
C PHE B 313 -11.39 25.39 17.17
N PHE B 314 -11.15 24.73 18.27
CA PHE B 314 -12.13 24.72 19.34
C PHE B 314 -12.41 26.09 19.94
N ASN B 315 -11.41 26.98 19.95
CA ASN B 315 -11.70 28.36 20.31
C ASN B 315 -12.74 28.99 19.39
N GLU B 316 -12.60 28.78 18.09
CA GLU B 316 -13.60 29.22 17.10
C GLU B 316 -14.95 28.46 17.19
N LEU B 317 -14.92 27.16 17.43
CA LEU B 317 -16.18 26.37 17.58
C LEU B 317 -17.05 26.79 18.76
N ALA B 318 -16.46 27.10 19.90
CA ALA B 318 -17.25 27.69 20.99
C ALA B 318 -17.89 29.04 20.60
N LYS B 319 -17.45 29.66 19.51
CA LYS B 319 -18.14 30.89 19.08
C LYS B 319 -19.47 30.68 18.33
N VAL B 320 -19.67 29.48 17.78
CA VAL B 320 -20.76 29.23 16.79
C VAL B 320 -21.65 28.00 17.05
N LEU B 321 -21.17 27.02 17.81
CA LEU B 321 -21.95 25.77 18.05
C LEU B 321 -23.18 25.97 18.97
N GLU B 322 -24.37 25.56 18.53
CA GLU B 322 -25.53 25.58 19.39
C GLU B 322 -25.82 24.29 20.14
N LYS B 323 -25.63 23.15 19.48
CA LYS B 323 -25.89 21.84 20.13
C LYS B 323 -24.67 20.95 20.41
N ARG B 324 -24.37 20.03 19.48
CA ARG B 324 -23.35 18.99 19.68
C ARG B 324 -22.34 18.91 18.55
N GLY B 325 -21.13 18.49 18.93
CA GLY B 325 -20.05 18.23 17.96
C GLY B 325 -19.57 16.79 18.14
N VAL B 326 -19.29 16.12 17.03
CA VAL B 326 -18.76 14.77 17.05
C VAL B 326 -17.43 14.73 16.31
N PHE B 327 -16.38 14.24 16.97
CA PHE B 327 -15.05 14.29 16.36
C PHE B 327 -14.32 12.99 16.45
N ILE B 328 -13.40 12.80 15.52
CA ILE B 328 -12.51 11.67 15.56
C ILE B 328 -11.05 12.09 15.40
N THR B 329 -10.18 11.46 16.18
CA THR B 329 -8.75 11.71 16.09
C THR B 329 -7.94 10.59 16.77
N THR B 330 -6.68 10.46 16.36
CA THR B 330 -5.74 9.59 17.06
C THR B 330 -5.12 10.29 18.28
N GLU B 331 -5.15 11.62 18.27
CA GLU B 331 -4.45 12.47 19.25
C GLU B 331 -5.24 12.78 20.53
N LYS B 332 -5.30 11.81 21.44
CA LYS B 332 -6.02 11.94 22.71
C LYS B 332 -5.68 13.24 23.47
N LYS B 333 -4.42 13.40 23.85
CA LYS B 333 -3.93 14.60 24.55
C LYS B 333 -4.39 15.90 23.89
N ALA B 334 -3.96 16.09 22.64
CA ALA B 334 -4.24 17.30 21.87
C ALA B 334 -5.72 17.69 21.90
N ILE B 335 -6.61 16.73 21.62
CA ILE B 335 -8.02 17.07 21.61
C ILE B 335 -8.56 17.34 23.01
N GLU B 336 -8.20 16.51 23.96
CA GLU B 336 -8.82 16.61 25.26
C GLU B 336 -8.44 17.94 25.94
N GLU B 337 -7.21 18.41 25.70
CA GLU B 337 -6.81 19.76 26.15
C GLU B 337 -7.53 20.88 25.41
N ALA B 338 -7.76 20.67 24.13
CA ALA B 338 -8.46 21.62 23.32
C ALA B 338 -9.92 21.65 23.77
N ILE B 339 -10.46 20.50 24.12
CA ILE B 339 -11.80 20.48 24.74
C ILE B 339 -11.83 21.23 26.08
N ALA B 340 -10.86 20.99 26.94
CA ALA B 340 -10.93 21.53 28.32
C ALA B 340 -10.70 23.05 28.35
N GLU B 341 -9.76 23.54 27.54
CA GLU B 341 -9.40 24.95 27.64
C GLU B 341 -10.47 25.87 27.07
N ASN B 342 -11.28 25.32 26.17
CA ASN B 342 -12.28 26.16 25.51
C ASN B 342 -13.74 26.02 25.99
N GLY B 343 -13.93 25.47 27.17
CA GLY B 343 -15.28 25.43 27.78
C GLY B 343 -16.15 24.24 27.39
N PHE B 344 -15.56 23.23 26.76
CA PHE B 344 -16.34 22.07 26.28
C PHE B 344 -16.46 20.93 27.28
N GLU B 345 -17.52 20.12 27.12
CA GLU B 345 -17.80 18.98 28.00
C GLU B 345 -17.97 17.70 27.14
N ILE B 346 -17.34 16.61 27.54
CA ILE B 346 -17.38 15.36 26.80
C ILE B 346 -18.55 14.57 27.32
N ILE B 347 -19.54 14.31 26.45
CA ILE B 347 -20.72 13.51 26.82
C ILE B 347 -20.69 12.10 26.24
N HIS B 348 -19.62 11.80 25.50
CA HIS B 348 -19.42 10.44 25.03
C HIS B 348 -18.06 10.25 24.42
N HIS B 349 -17.44 9.14 24.78
CA HIS B 349 -16.18 8.75 24.17
C HIS B 349 -16.28 7.25 23.86
N ARG B 350 -15.79 6.86 22.67
CA ARG B 350 -15.48 5.45 22.39
C ARG B 350 -14.26 5.31 21.49
N VAL B 351 -13.71 4.09 21.42
CA VAL B 351 -12.59 3.73 20.57
C VAL B 351 -13.15 2.94 19.39
N ILE B 352 -12.63 3.22 18.20
CA ILE B 352 -13.08 2.60 16.95
C ILE B 352 -11.87 2.14 16.13
N GLY B 353 -11.99 1.01 15.44
CA GLY B 353 -10.90 0.55 14.60
C GLY B 353 -11.13 1.09 13.20
N HIS B 354 -10.32 2.07 12.80
CA HIS B 354 -10.40 2.68 11.46
C HIS B 354 -9.35 2.00 10.58
N GLY B 355 -9.72 0.80 10.10
CA GLY B 355 -8.78 -0.10 9.45
C GLY B 355 -8.00 -0.88 10.49
N GLY B 356 -6.67 -0.77 10.42
CA GLY B 356 -5.80 -1.40 11.39
C GLY B 356 -5.47 -0.45 12.53
N LEU B 357 -5.96 0.78 12.43
CA LEU B 357 -5.55 1.86 13.33
C LEU B 357 -6.68 2.15 14.31
N MET B 358 -6.35 2.28 15.59
CA MET B 358 -7.34 2.68 16.59
C MET B 358 -7.48 4.20 16.71
N VAL B 359 -8.72 4.68 16.61
CA VAL B 359 -9.06 6.11 16.69
C VAL B 359 -10.04 6.37 17.89
N HIS B 360 -9.99 7.59 18.40
CA HIS B 360 -10.92 8.02 19.42
C HIS B 360 -12.07 8.82 18.80
N LEU B 361 -13.28 8.60 19.30
CA LEU B 361 -14.45 9.43 18.92
C LEU B 361 -14.86 10.14 20.18
N TYR B 362 -15.16 11.43 20.06
CA TYR B 362 -15.72 12.23 21.16
C TYR B 362 -17.01 12.85 20.69
N VAL B 363 -18.00 12.89 21.58
CA VAL B 363 -19.18 13.78 21.47
C VAL B 363 -19.10 14.89 22.53
N VAL B 364 -19.19 16.15 22.08
CA VAL B 364 -19.03 17.32 22.93
C VAL B 364 -20.21 18.32 22.83
N LYS B 365 -20.43 19.04 23.93
CA LYS B 365 -21.24 20.27 23.92
C LYS B 365 -20.53 21.36 24.74
N LEU B 366 -21.06 22.57 24.68
CA LEU B 366 -20.55 23.64 25.51
C LEU B 366 -21.04 23.39 26.93
N GLU B 367 -20.10 23.38 27.90
CA GLU B 367 -20.49 23.10 29.29
C GLU B 367 -21.64 23.98 29.80
N HIS B 368 -21.63 25.28 29.49
CA HIS B 368 -22.66 26.16 30.07
C HIS B 368 -24.06 25.97 29.49
N HIS B 369 -24.19 25.31 28.34
CA HIS B 369 -25.51 25.08 27.77
C HIS B 369 -26.30 24.12 28.63
N HIS B 370 -27.54 24.49 28.94
CA HIS B 370 -28.42 23.65 29.71
C HIS B 370 -29.86 24.03 29.41
N SAH C . 15.46 10.55 1.10
CA SAH C . 16.43 10.51 2.25
CB SAH C . 16.23 11.83 3.02
CG SAH C . 14.84 12.14 3.57
SD SAH C . 13.84 13.31 2.66
C SAH C . 16.48 9.15 2.96
O SAH C . 16.37 8.92 4.18
OXT SAH C . 16.69 8.11 2.32
C5' SAH C . 14.04 14.99 3.23
C4' SAH C . 14.29 15.25 4.72
O4' SAH C . 14.76 16.59 4.92
C3' SAH C . 13.06 15.12 5.61
O3' SAH C . 13.33 14.12 6.60
C2' SAH C . 12.93 16.45 6.34
O2' SAH C . 12.76 16.29 7.75
C1' SAH C . 14.28 17.11 6.15
N9 SAH C . 14.14 18.59 6.16
C8 SAH C . 13.07 19.31 5.73
N7 SAH C . 13.30 20.64 5.89
C5 SAH C . 14.52 20.78 6.44
C6 SAH C . 15.37 21.91 6.90
N6 SAH C . 14.94 23.18 6.77
N1 SAH C . 16.58 21.65 7.39
C2 SAH C . 17.02 20.37 7.55
N3 SAH C . 16.30 19.29 7.19
C4 SAH C . 15.06 19.44 6.64
C ACT D . 38.03 15.82 -9.13
O ACT D . 37.64 15.83 -7.92
OXT ACT D . 37.93 16.90 -9.79
CH3 ACT D . 38.53 14.56 -9.78
N SAH E . -13.18 13.06 6.50
CA SAH E . -12.36 13.53 5.34
CB SAH E . -10.87 13.45 5.67
CG SAH E . -10.43 14.63 6.54
SD SAH E . -8.72 14.56 6.93
C SAH E . -12.74 12.77 4.08
O SAH E . -12.46 13.22 2.96
OXT SAH E . -13.43 11.74 4.09
C5' SAH E . -8.32 16.23 7.40
C4' SAH E . -8.69 17.33 6.39
O4' SAH E . -8.70 18.58 7.09
C3' SAH E . -7.70 17.50 5.24
O3' SAH E . -8.45 17.61 4.02
C2' SAH E . -6.98 18.81 5.50
O2' SAH E . -6.71 19.56 4.30
C1' SAH E . -8.05 19.56 6.28
N9 SAH E . -7.49 20.69 7.07
C8 SAH E . -6.25 20.79 7.61
N7 SAH E . -6.09 21.99 8.21
C5 SAH E . -7.24 22.66 8.07
C6 SAH E . -7.77 23.99 8.47
N6 SAH E . -7.00 24.83 9.19
N1 SAH E . -9.02 24.34 8.09
C2 SAH E . -9.81 23.50 7.38
N3 SAH E . -9.40 22.28 6.96
C4 SAH E . -8.16 21.83 7.28
#